data_7PCO
#
_entry.id   7PCO
#
_cell.length_a   75.730
_cell.length_b   83.400
_cell.length_c   104.780
_cell.angle_alpha   90.000
_cell.angle_beta   90.000
_cell.angle_gamma   90.000
#
_symmetry.space_group_name_H-M   'P 21 21 21'
#
loop_
_entity.id
_entity.type
_entity.pdbx_description
1 polymer 'Ketol-acid reductoisomerase'
2 non-polymer NICOTINAMIDE-ADENINE-DINUCLEOTIDE
3 non-polymer 'MAGNESIUM ION'
4 non-polymer '(2R,3R)-6-methyl-2,3-bis(oxidanyl)heptanoic acid'
5 non-polymer 'SODIUM ION'
6 non-polymer GLYCEROL
7 water water
#
_entity_poly.entity_id   1
_entity_poly.type   'polypeptide(L)'
_entity_poly.pdbx_seq_one_letter_code
;GSHMASNDLIYQDEHASLQPLEGRTVAVIGYGIQGRAFAANLRDSGVAVRVGNIDDRYFELARAEGHRVTNIAEAVAHAD
IVLLLIPDEAHGAVFDVDIAPNLRDGALLCVAHGHSLVQGDVRPLPGRDLAMLAPRMYGDPIRRYYLAGQGAPAYFDIVA
DHTGRARDRVLAIARAVGFTRAGVMALGYRQETFLDLFQEQFLAPALVDLVETGFQVLVERGFNPKAALLEVYGSGQMGK
MMLDGADIGLDEVVALQGSPTCQVGYHRWRGRTLPTAVRELAARVLDQIEGGDFSAYLKEQASNDYASLDDARRAALKRP
LNVAHAQVRAAFRFPTEAAGGLYQAAQAPADVEPEAAR
;
_entity_poly.pdbx_strand_id   A,B
#
loop_
_chem_comp.id
_chem_comp.type
_chem_comp.name
_chem_comp.formula
7FI non-polymer '(2R,3R)-6-methyl-2,3-bis(oxidanyl)heptanoic acid' 'C8 H16 O4'
GOL non-polymer GLYCEROL 'C3 H8 O3'
MG non-polymer 'MAGNESIUM ION' 'Mg 2'
NA non-polymer 'SODIUM ION' 'Na 1'
NAD non-polymer NICOTINAMIDE-ADENINE-DINUCLEOTIDE 'C21 H27 N7 O14 P2'
#
# COMPACT_ATOMS: atom_id res chain seq x y z
N ASN A 7 -18.67 -9.34 -23.34
CA ASN A 7 -18.50 -8.41 -22.20
C ASN A 7 -18.21 -9.24 -20.94
N ASP A 8 -17.89 -8.59 -19.82
CA ASP A 8 -17.41 -9.31 -18.61
C ASP A 8 -18.59 -9.80 -17.78
N LEU A 9 -18.49 -11.02 -17.24
CA LEU A 9 -19.46 -11.59 -16.26
C LEU A 9 -18.84 -11.47 -14.87
N ILE A 10 -19.39 -10.57 -14.06
CA ILE A 10 -18.89 -10.28 -12.69
C ILE A 10 -20.02 -10.55 -11.72
N TYR A 11 -19.80 -11.52 -10.84
CA TYR A 11 -20.77 -12.00 -9.83
C TYR A 11 -20.52 -11.25 -8.52
N GLN A 12 -21.55 -10.64 -7.98
CA GLN A 12 -21.54 -10.05 -6.61
C GLN A 12 -22.57 -10.80 -5.77
N ASP A 13 -22.83 -10.34 -4.54
CA ASP A 13 -23.64 -11.11 -3.56
C ASP A 13 -25.01 -11.43 -4.16
N GLU A 14 -25.58 -10.51 -4.95
CA GLU A 14 -26.92 -10.62 -5.56
C GLU A 14 -26.97 -11.81 -6.54
N HIS A 15 -25.82 -12.23 -7.05
CA HIS A 15 -25.66 -13.23 -8.13
C HIS A 15 -25.22 -14.59 -7.56
N ALA A 16 -25.21 -14.77 -6.23
CA ALA A 16 -24.69 -15.99 -5.59
C ALA A 16 -25.48 -16.27 -4.31
N SER A 17 -25.50 -17.52 -3.88
CA SER A 17 -26.19 -17.89 -2.61
C SER A 17 -25.46 -19.06 -1.97
N LEU A 18 -25.74 -19.29 -0.69
CA LEU A 18 -25.17 -20.44 0.05
C LEU A 18 -26.10 -21.63 -0.13
N GLN A 19 -27.25 -21.48 -0.80
CA GLN A 19 -28.21 -22.60 -0.92
C GLN A 19 -27.51 -23.84 -1.49
N PRO A 20 -26.61 -23.74 -2.49
CA PRO A 20 -25.97 -24.95 -3.04
C PRO A 20 -25.08 -25.72 -2.05
N LEU A 21 -24.72 -25.11 -0.92
CA LEU A 21 -23.84 -25.78 0.07
C LEU A 21 -24.67 -26.45 1.17
N GLU A 22 -26.01 -26.35 1.15
CA GLU A 22 -26.88 -26.95 2.19
C GLU A 22 -26.63 -28.46 2.21
N GLY A 23 -26.28 -28.97 3.39
CA GLY A 23 -26.03 -30.39 3.67
C GLY A 23 -24.74 -30.91 3.04
N ARG A 24 -23.90 -30.05 2.47
CA ARG A 24 -22.64 -30.50 1.82
C ARG A 24 -21.44 -30.17 2.70
N THR A 25 -20.41 -31.00 2.61
CA THR A 25 -19.13 -30.84 3.34
C THR A 25 -18.05 -30.38 2.35
N VAL A 26 -17.36 -29.31 2.72
CA VAL A 26 -16.19 -28.82 1.96
C VAL A 26 -14.93 -29.37 2.63
N ALA A 27 -14.05 -30.01 1.85
CA ALA A 27 -12.69 -30.38 2.29
C ALA A 27 -11.71 -29.33 1.77
N VAL A 28 -11.10 -28.61 2.71
CA VAL A 28 -10.00 -27.68 2.38
C VAL A 28 -8.71 -28.50 2.50
N ILE A 29 -8.03 -28.69 1.38
CA ILE A 29 -6.74 -29.41 1.30
C ILE A 29 -5.64 -28.36 1.38
N GLY A 30 -4.91 -28.36 2.48
CA GLY A 30 -3.97 -27.28 2.78
C GLY A 30 -4.55 -26.37 3.83
N TYR A 31 -3.69 -25.73 4.61
CA TYR A 31 -4.10 -24.82 5.69
C TYR A 31 -3.03 -23.74 5.76
N GLY A 32 -2.52 -23.38 4.57
CA GLY A 32 -1.54 -22.30 4.39
C GLY A 32 -2.22 -20.96 4.23
N ILE A 33 -1.56 -20.12 3.44
CA ILE A 33 -1.95 -18.69 3.30
C ILE A 33 -3.43 -18.65 2.87
N GLN A 34 -3.76 -19.45 1.85
CA GLN A 34 -5.14 -19.51 1.32
C GLN A 34 -6.00 -20.48 2.15
N GLY A 35 -5.50 -21.69 2.43
CA GLY A 35 -6.32 -22.73 3.08
C GLY A 35 -6.86 -22.25 4.41
N ARG A 36 -6.04 -21.59 5.23
CA ARG A 36 -6.48 -21.13 6.56
C ARG A 36 -7.62 -20.11 6.40
N ALA A 37 -7.50 -19.17 5.46
CA ALA A 37 -8.52 -18.12 5.21
C ALA A 37 -9.83 -18.74 4.71
N PHE A 38 -9.77 -19.66 3.75
CA PHE A 38 -10.95 -20.37 3.21
C PHE A 38 -11.64 -21.14 4.36
N ALA A 39 -10.88 -21.92 5.12
CA ALA A 39 -11.42 -22.77 6.22
C ALA A 39 -12.12 -21.89 7.26
N ALA A 40 -11.50 -20.77 7.65
CA ALA A 40 -12.05 -19.87 8.69
C ALA A 40 -13.36 -19.26 8.20
N ASN A 41 -13.37 -18.72 6.98
CA ASN A 41 -14.52 -18.00 6.41
C ASN A 41 -15.67 -18.98 6.12
N LEU A 42 -15.37 -20.16 5.57
CA LEU A 42 -16.40 -21.22 5.33
C LEU A 42 -17.08 -21.55 6.66
N ARG A 43 -16.31 -21.81 7.72
CA ARG A 43 -16.90 -22.17 9.04
C ARG A 43 -17.81 -21.04 9.52
N ASP A 44 -17.33 -19.80 9.49
CA ASP A 44 -18.08 -18.64 10.05
C ASP A 44 -19.33 -18.36 9.19
N SER A 45 -19.32 -18.77 7.92
CA SER A 45 -20.50 -18.64 7.02
C SER A 45 -21.50 -19.79 7.21
N GLY A 46 -21.26 -20.72 8.14
CA GLY A 46 -22.18 -21.85 8.44
C GLY A 46 -22.06 -22.99 7.45
N VAL A 47 -20.91 -23.14 6.79
CA VAL A 47 -20.62 -24.26 5.85
C VAL A 47 -19.84 -25.35 6.60
N ALA A 48 -20.28 -26.60 6.51
CA ALA A 48 -19.56 -27.77 7.07
C ALA A 48 -18.20 -27.85 6.36
N VAL A 49 -17.10 -27.85 7.12
CA VAL A 49 -15.72 -27.82 6.57
C VAL A 49 -14.86 -28.84 7.32
N ARG A 50 -13.97 -29.48 6.58
CA ARG A 50 -12.95 -30.43 7.07
C ARG A 50 -11.62 -29.99 6.47
N VAL A 51 -10.53 -30.24 7.18
CA VAL A 51 -9.17 -29.94 6.64
C VAL A 51 -8.47 -31.27 6.36
N GLY A 52 -7.95 -31.41 5.14
CA GLY A 52 -6.98 -32.45 4.76
C GLY A 52 -5.58 -31.89 4.70
N ASN A 53 -4.60 -32.51 5.37
CA ASN A 53 -3.22 -31.95 5.46
C ASN A 53 -2.21 -33.07 5.74
N ILE A 54 -1.02 -32.92 5.16
CA ILE A 54 0.16 -33.79 5.44
C ILE A 54 0.62 -33.53 6.87
N ASP A 55 1.52 -34.38 7.36
CA ASP A 55 2.04 -34.34 8.75
C ASP A 55 3.10 -33.23 8.85
N ASP A 56 2.68 -31.98 9.05
CA ASP A 56 3.56 -30.79 9.23
C ASP A 56 2.89 -29.79 10.18
N ARG A 57 3.48 -28.61 10.38
CA ARG A 57 3.00 -27.62 11.38
C ARG A 57 1.56 -27.19 11.05
N TYR A 58 1.18 -27.21 9.78
CA TYR A 58 -0.15 -26.71 9.37
C TYR A 58 -1.24 -27.65 9.91
N PHE A 59 -0.93 -28.95 9.99
CA PHE A 59 -1.84 -29.97 10.58
C PHE A 59 -2.14 -29.57 12.03
N GLU A 60 -1.10 -29.34 12.81
CA GLU A 60 -1.20 -28.94 14.25
C GLU A 60 -1.98 -27.63 14.35
N LEU A 61 -1.70 -26.67 13.48
CA LEU A 61 -2.37 -25.34 13.53
C LEU A 61 -3.88 -25.48 13.28
N ALA A 62 -4.27 -26.26 12.28
CA ALA A 62 -5.70 -26.52 11.97
C ALA A 62 -6.37 -27.16 13.20
N ARG A 63 -5.68 -28.07 13.90
CA ARG A 63 -6.24 -28.69 15.13
C ARG A 63 -6.38 -27.60 16.20
N ALA A 64 -5.35 -26.77 16.39
CA ALA A 64 -5.34 -25.70 17.41
C ALA A 64 -6.50 -24.72 17.18
N GLU A 65 -6.95 -24.57 15.93
CA GLU A 65 -8.00 -23.59 15.54
C GLU A 65 -9.36 -24.28 15.39
N GLY A 66 -9.49 -25.49 15.94
CA GLY A 66 -10.78 -26.15 16.22
C GLY A 66 -11.33 -26.90 15.02
N HIS A 67 -10.53 -27.15 13.98
CA HIS A 67 -11.02 -27.85 12.76
C HIS A 67 -11.00 -29.37 12.96
N ARG A 68 -11.80 -30.08 12.16
CA ARG A 68 -11.68 -31.55 11.96
C ARG A 68 -10.57 -31.77 10.95
N VAL A 69 -9.45 -32.39 11.35
CA VAL A 69 -8.23 -32.46 10.50
C VAL A 69 -7.83 -33.92 10.33
N THR A 70 -7.58 -34.33 9.09
CA THR A 70 -7.12 -35.69 8.74
C THR A 70 -6.09 -35.56 7.63
N ASN A 71 -5.48 -36.67 7.23
CA ASN A 71 -4.72 -36.78 5.98
C ASN A 71 -5.65 -36.40 4.82
N ILE A 72 -5.06 -36.18 3.65
CA ILE A 72 -5.74 -35.61 2.46
C ILE A 72 -6.74 -36.62 1.91
N ALA A 73 -6.35 -37.89 1.74
CA ALA A 73 -7.25 -38.91 1.18
C ALA A 73 -8.54 -38.98 2.01
N GLU A 74 -8.42 -39.00 3.34
CA GLU A 74 -9.58 -39.15 4.26
C GLU A 74 -10.50 -37.92 4.13
N ALA A 75 -9.92 -36.73 4.04
CA ALA A 75 -10.71 -35.48 3.89
C ALA A 75 -11.51 -35.55 2.57
N VAL A 76 -10.84 -35.91 1.48
CA VAL A 76 -11.45 -35.99 0.12
C VAL A 76 -12.61 -37.00 0.12
N ALA A 77 -12.44 -38.14 0.79
CA ALA A 77 -13.42 -39.25 0.78
C ALA A 77 -14.69 -38.85 1.52
N HIS A 78 -14.62 -37.86 2.41
CA HIS A 78 -15.79 -37.37 3.21
C HIS A 78 -16.27 -36.01 2.71
N ALA A 79 -15.96 -35.63 1.46
CA ALA A 79 -16.25 -34.28 0.93
C ALA A 79 -17.09 -34.31 -0.34
N ASP A 80 -17.98 -33.32 -0.47
CA ASP A 80 -18.79 -33.04 -1.68
C ASP A 80 -18.03 -32.05 -2.57
N ILE A 81 -17.28 -31.16 -1.93
CA ILE A 81 -16.45 -30.12 -2.59
C ILE A 81 -15.04 -30.19 -1.99
N VAL A 82 -14.03 -30.20 -2.86
CA VAL A 82 -12.59 -30.26 -2.48
C VAL A 82 -11.88 -29.01 -3.03
N LEU A 83 -11.25 -28.23 -2.16
CA LEU A 83 -10.44 -27.05 -2.55
C LEU A 83 -8.96 -27.42 -2.40
N LEU A 84 -8.21 -27.49 -3.51
CA LEU A 84 -6.79 -27.90 -3.48
C LEU A 84 -5.91 -26.66 -3.24
N LEU A 85 -5.66 -26.35 -1.97
CA LEU A 85 -4.95 -25.11 -1.56
C LEU A 85 -3.57 -25.48 -0.99
N ILE A 86 -2.76 -26.11 -1.84
CA ILE A 86 -1.33 -26.45 -1.56
C ILE A 86 -0.50 -25.92 -2.72
N PRO A 87 0.83 -25.79 -2.56
CA PRO A 87 1.70 -25.28 -3.61
C PRO A 87 1.50 -26.02 -4.95
N ASP A 88 1.54 -25.26 -6.04
CA ASP A 88 1.16 -25.76 -7.39
C ASP A 88 2.01 -26.96 -7.81
N GLU A 89 3.30 -26.93 -7.54
CA GLU A 89 4.21 -28.03 -7.97
C GLU A 89 3.81 -29.34 -7.29
N ALA A 90 3.11 -29.28 -6.14
CA ALA A 90 2.68 -30.48 -5.38
C ALA A 90 1.35 -31.05 -5.90
N HIS A 91 0.64 -30.33 -6.77
CA HIS A 91 -0.74 -30.72 -7.21
C HIS A 91 -0.74 -32.08 -7.91
N GLY A 92 0.20 -32.34 -8.83
CA GLY A 92 0.23 -33.56 -9.66
C GLY A 92 0.18 -34.82 -8.82
N ALA A 93 1.13 -34.97 -7.88
CA ALA A 93 1.29 -36.19 -7.05
C ALA A 93 0.10 -36.32 -6.09
N VAL A 94 -0.37 -35.22 -5.51
CA VAL A 94 -1.52 -35.25 -4.54
C VAL A 94 -2.81 -35.58 -5.31
N PHE A 95 -2.98 -35.03 -6.52
CA PHE A 95 -4.12 -35.31 -7.41
C PHE A 95 -4.15 -36.81 -7.76
N ASP A 96 -3.05 -37.33 -8.29
CA ASP A 96 -2.98 -38.75 -8.74
C ASP A 96 -3.18 -39.70 -7.55
N VAL A 97 -2.54 -39.45 -6.41
CA VAL A 97 -2.46 -40.48 -5.32
C VAL A 97 -3.61 -40.29 -4.33
N ASP A 98 -3.91 -39.04 -3.94
CA ASP A 98 -4.80 -38.77 -2.78
C ASP A 98 -6.20 -38.33 -3.23
N ILE A 99 -6.32 -37.56 -4.32
CA ILE A 99 -7.61 -36.89 -4.64
C ILE A 99 -8.39 -37.74 -5.65
N ALA A 100 -7.84 -37.99 -6.83
CA ALA A 100 -8.56 -38.69 -7.93
C ALA A 100 -9.14 -40.01 -7.43
N PRO A 101 -8.41 -40.89 -6.71
CA PRO A 101 -8.99 -42.14 -6.24
C PRO A 101 -10.15 -42.04 -5.25
N ASN A 102 -10.37 -40.87 -4.63
CA ASN A 102 -11.31 -40.71 -3.48
C ASN A 102 -12.39 -39.67 -3.75
N LEU A 103 -12.34 -38.97 -4.89
CA LEU A 103 -13.31 -37.89 -5.21
C LEU A 103 -14.64 -38.56 -5.57
N ARG A 104 -15.68 -38.26 -4.80
CA ARG A 104 -17.02 -38.87 -4.96
C ARG A 104 -17.55 -38.56 -6.37
N ASP A 105 -18.45 -39.42 -6.85
CA ASP A 105 -19.19 -39.14 -8.11
C ASP A 105 -20.01 -37.87 -7.88
N GLY A 106 -19.98 -36.93 -8.82
CA GLY A 106 -20.72 -35.65 -8.70
C GLY A 106 -19.97 -34.61 -7.87
N ALA A 107 -18.85 -34.95 -7.23
CA ALA A 107 -18.13 -33.97 -6.39
C ALA A 107 -17.44 -32.92 -7.27
N LEU A 108 -17.10 -31.78 -6.67
CA LEU A 108 -16.41 -30.62 -7.29
C LEU A 108 -15.00 -30.51 -6.72
N LEU A 109 -13.99 -30.47 -7.60
CA LEU A 109 -12.59 -30.08 -7.27
C LEU A 109 -12.35 -28.66 -7.80
N CYS A 110 -11.82 -27.79 -6.93
CA CYS A 110 -11.42 -26.40 -7.27
C CYS A 110 -9.95 -26.19 -7.01
N VAL A 111 -9.26 -25.53 -7.94
CA VAL A 111 -7.89 -24.99 -7.76
C VAL A 111 -8.02 -23.48 -7.65
N ALA A 112 -7.02 -22.82 -7.07
CA ALA A 112 -7.02 -21.36 -6.82
C ALA A 112 -6.02 -20.67 -7.73
N HIS A 113 -5.48 -21.39 -8.72
CA HIS A 113 -4.50 -20.89 -9.71
C HIS A 113 -4.51 -21.89 -10.87
N GLY A 114 -4.40 -21.40 -12.10
CA GLY A 114 -4.55 -22.23 -13.32
C GLY A 114 -3.35 -23.10 -13.64
N HIS A 115 -2.21 -22.91 -12.98
CA HIS A 115 -0.91 -23.48 -13.42
C HIS A 115 -0.98 -25.01 -13.54
N SER A 116 -1.51 -25.72 -12.55
CA SER A 116 -1.57 -27.21 -12.59
C SER A 116 -2.53 -27.68 -13.71
N LEU A 117 -3.53 -26.87 -14.08
CA LEU A 117 -4.47 -27.18 -15.21
C LEU A 117 -3.75 -27.02 -16.55
N VAL A 118 -3.00 -25.93 -16.69
CA VAL A 118 -2.19 -25.65 -17.92
C VAL A 118 -1.21 -26.80 -18.12
N GLN A 119 -0.57 -27.28 -17.05
CA GLN A 119 0.51 -28.30 -17.12
C GLN A 119 -0.07 -29.72 -17.27
N GLY A 120 -1.38 -29.90 -17.10
CA GLY A 120 -2.04 -31.22 -17.18
C GLY A 120 -1.81 -32.07 -15.94
N ASP A 121 -1.42 -31.44 -14.83
CA ASP A 121 -1.11 -32.10 -13.53
C ASP A 121 -2.41 -32.34 -12.76
N VAL A 122 -3.42 -31.51 -13.00
CA VAL A 122 -4.82 -31.67 -12.53
C VAL A 122 -5.68 -31.66 -13.79
N ARG A 123 -6.58 -32.65 -13.91
CA ARG A 123 -7.28 -32.98 -15.17
C ARG A 123 -8.74 -33.27 -14.84
N PRO A 124 -9.67 -33.04 -15.80
CA PRO A 124 -11.05 -33.45 -15.59
C PRO A 124 -11.15 -34.96 -15.32
N LEU A 125 -12.05 -35.34 -14.41
CA LEU A 125 -12.35 -36.76 -14.11
C LEU A 125 -13.77 -37.06 -14.59
N PRO A 126 -13.98 -38.19 -15.30
CA PRO A 126 -15.33 -38.62 -15.61
C PRO A 126 -16.24 -38.57 -14.37
N GLY A 127 -17.43 -37.98 -14.53
CA GLY A 127 -18.52 -37.97 -13.52
C GLY A 127 -18.33 -36.89 -12.49
N ARG A 128 -17.31 -36.05 -12.64
CA ARG A 128 -16.96 -35.06 -11.58
C ARG A 128 -16.80 -33.67 -12.21
N ASP A 129 -16.87 -32.65 -11.37
CA ASP A 129 -16.76 -31.23 -11.79
C ASP A 129 -15.37 -30.70 -11.43
N LEU A 130 -14.84 -29.77 -12.23
CA LEU A 130 -13.50 -29.16 -12.04
C LEU A 130 -13.60 -27.67 -12.33
N ALA A 131 -13.06 -26.85 -11.44
CA ALA A 131 -13.14 -25.37 -11.55
C ALA A 131 -11.90 -24.72 -10.95
N MET A 132 -11.74 -23.46 -11.31
CA MET A 132 -10.75 -22.53 -10.72
C MET A 132 -11.53 -21.43 -10.01
N LEU A 133 -11.17 -21.17 -8.75
CA LEU A 133 -11.62 -19.97 -8.02
C LEU A 133 -10.37 -19.34 -7.44
N ALA A 134 -9.86 -18.30 -8.11
CA ALA A 134 -8.50 -17.75 -7.90
C ALA A 134 -8.62 -16.38 -7.24
N PRO A 135 -8.44 -16.30 -5.91
CA PRO A 135 -8.45 -15.02 -5.22
C PRO A 135 -7.32 -14.12 -5.72
N ARG A 136 -7.54 -12.80 -5.67
CA ARG A 136 -6.58 -11.76 -6.14
C ARG A 136 -5.89 -11.09 -4.94
N MET A 137 -5.91 -11.74 -3.77
CA MET A 137 -5.34 -11.18 -2.51
C MET A 137 -4.82 -12.36 -1.68
N TYR A 138 -3.85 -12.10 -0.81
CA TYR A 138 -3.33 -13.12 0.14
C TYR A 138 -4.28 -13.23 1.34
N GLY A 139 -3.98 -14.16 2.24
CA GLY A 139 -4.93 -14.68 3.24
C GLY A 139 -5.35 -13.67 4.29
N ASP A 140 -4.41 -12.99 4.93
CA ASP A 140 -4.72 -12.12 6.10
C ASP A 140 -5.77 -11.08 5.66
N PRO A 141 -5.58 -10.36 4.52
CA PRO A 141 -6.59 -9.40 4.08
C PRO A 141 -7.95 -10.04 3.74
N ILE A 142 -7.95 -11.24 3.15
CA ILE A 142 -9.22 -11.97 2.85
C ILE A 142 -9.97 -12.19 4.17
N ARG A 143 -9.24 -12.55 5.22
CA ARG A 143 -9.85 -12.85 6.53
C ARG A 143 -10.32 -11.54 7.18
N ARG A 144 -9.46 -10.52 7.22
CA ARG A 144 -9.79 -9.21 7.84
C ARG A 144 -11.01 -8.62 7.12
N TYR A 145 -10.99 -8.62 5.78
CA TYR A 145 -12.13 -8.08 4.98
C TYR A 145 -13.39 -8.85 5.37
N TYR A 146 -13.31 -10.19 5.34
CA TYR A 146 -14.47 -11.06 5.66
C TYR A 146 -15.11 -10.60 6.98
N LEU A 147 -14.29 -10.41 8.02
CA LEU A 147 -14.78 -10.10 9.39
C LEU A 147 -15.40 -8.69 9.43
N ALA A 148 -14.97 -7.81 8.53
CA ALA A 148 -15.50 -6.42 8.42
C ALA A 148 -16.65 -6.31 7.40
N GLY A 149 -17.19 -7.43 6.90
CA GLY A 149 -18.32 -7.42 5.95
C GLY A 149 -17.90 -7.11 4.52
N GLN A 150 -16.61 -7.25 4.20
CA GLN A 150 -16.01 -6.87 2.90
C GLN A 150 -15.36 -8.11 2.27
N GLY A 151 -14.76 -7.95 1.09
CA GLY A 151 -14.12 -9.05 0.38
C GLY A 151 -13.04 -8.58 -0.57
N ALA A 152 -12.26 -9.53 -1.07
CA ALA A 152 -11.29 -9.34 -2.16
C ALA A 152 -11.89 -9.87 -3.45
N PRO A 153 -11.46 -9.38 -4.64
CA PRO A 153 -11.92 -9.94 -5.92
C PRO A 153 -11.36 -11.35 -6.13
N ALA A 154 -11.96 -12.09 -7.04
CA ALA A 154 -11.48 -13.40 -7.49
C ALA A 154 -11.84 -13.59 -8.97
N TYR A 155 -11.11 -14.45 -9.68
CA TYR A 155 -11.48 -14.93 -11.03
C TYR A 155 -11.99 -16.36 -10.91
N PHE A 156 -12.91 -16.75 -11.79
CA PHE A 156 -13.39 -18.14 -11.77
C PHE A 156 -13.49 -18.68 -13.20
N ASP A 157 -13.36 -20.00 -13.31
CA ASP A 157 -13.50 -20.71 -14.59
C ASP A 157 -14.10 -22.08 -14.30
N ILE A 158 -15.13 -22.45 -15.07
CA ILE A 158 -15.74 -23.80 -15.00
C ILE A 158 -15.09 -24.64 -16.10
N VAL A 159 -14.21 -25.56 -15.70
CA VAL A 159 -13.36 -26.34 -16.64
C VAL A 159 -14.09 -27.61 -17.08
N ALA A 160 -14.73 -28.32 -16.15
CA ALA A 160 -15.53 -29.54 -16.42
C ALA A 160 -16.76 -29.50 -15.52
N ASP A 161 -17.93 -29.76 -16.10
CA ASP A 161 -19.21 -29.64 -15.36
C ASP A 161 -20.08 -30.84 -15.72
N HIS A 162 -19.81 -31.98 -15.09
CA HIS A 162 -20.63 -33.21 -15.26
C HIS A 162 -22.04 -32.97 -14.70
N THR A 163 -22.14 -32.35 -13.52
CA THR A 163 -23.41 -32.25 -12.77
C THR A 163 -24.33 -31.21 -13.43
N GLY A 164 -23.76 -30.22 -14.13
CA GLY A 164 -24.46 -29.00 -14.55
C GLY A 164 -24.68 -28.04 -13.41
N ARG A 165 -24.11 -28.29 -12.22
CA ARG A 165 -24.33 -27.44 -11.01
C ARG A 165 -23.00 -26.82 -10.56
N ALA A 166 -21.92 -26.98 -11.34
CA ALA A 166 -20.57 -26.53 -10.92
C ALA A 166 -20.56 -25.00 -10.72
N ARG A 167 -21.16 -24.25 -11.64
CA ARG A 167 -21.12 -22.76 -11.58
C ARG A 167 -21.70 -22.30 -10.24
N ASP A 168 -22.90 -22.72 -9.87
CA ASP A 168 -23.52 -22.19 -8.63
C ASP A 168 -22.79 -22.72 -7.38
N ARG A 169 -22.18 -23.90 -7.47
CA ARG A 169 -21.41 -24.46 -6.32
C ARG A 169 -20.12 -23.66 -6.13
N VAL A 170 -19.40 -23.35 -7.21
CA VAL A 170 -18.17 -22.52 -7.16
C VAL A 170 -18.50 -21.12 -6.61
N LEU A 171 -19.58 -20.52 -7.11
CA LEU A 171 -19.96 -19.15 -6.70
C LEU A 171 -20.50 -19.15 -5.26
N ALA A 172 -21.09 -20.26 -4.81
CA ALA A 172 -21.51 -20.43 -3.40
C ALA A 172 -20.27 -20.45 -2.49
N ILE A 173 -19.22 -21.20 -2.85
CA ILE A 173 -17.92 -21.16 -2.12
C ILE A 173 -17.43 -19.70 -2.12
N ALA A 174 -17.42 -19.04 -3.28
CA ALA A 174 -16.96 -17.64 -3.39
C ALA A 174 -17.75 -16.73 -2.44
N ARG A 175 -19.08 -16.85 -2.40
CA ARG A 175 -19.93 -16.05 -1.47
C ARG A 175 -19.58 -16.40 -0.02
N ALA A 176 -19.37 -17.67 0.31
CA ALA A 176 -19.10 -18.08 1.71
C ALA A 176 -17.77 -17.52 2.21
N VAL A 177 -16.80 -17.32 1.30
CA VAL A 177 -15.42 -16.88 1.66
C VAL A 177 -15.30 -15.36 1.48
N GLY A 178 -16.26 -14.70 0.82
CA GLY A 178 -16.43 -13.23 0.82
C GLY A 178 -16.10 -12.55 -0.51
N PHE A 179 -15.69 -13.30 -1.53
CA PHE A 179 -15.17 -12.69 -2.79
C PHE A 179 -16.31 -11.99 -3.55
N THR A 180 -17.55 -12.45 -3.42
CA THR A 180 -18.70 -11.83 -4.15
C THR A 180 -19.02 -10.46 -3.52
N ARG A 181 -18.48 -10.14 -2.34
CA ARG A 181 -18.62 -8.78 -1.75
C ARG A 181 -17.83 -7.76 -2.57
N ALA A 182 -16.79 -8.21 -3.27
CA ALA A 182 -15.99 -7.38 -4.19
C ALA A 182 -16.43 -7.61 -5.64
N GLY A 183 -16.35 -8.88 -6.07
CA GLY A 183 -16.74 -9.30 -7.42
C GLY A 183 -15.93 -10.50 -7.86
N VAL A 184 -16.59 -11.46 -8.47
CA VAL A 184 -15.93 -12.69 -8.97
C VAL A 184 -16.13 -12.72 -10.47
N MET A 185 -15.05 -12.51 -11.23
CA MET A 185 -15.15 -12.34 -12.70
C MET A 185 -14.75 -13.63 -13.39
N ALA A 186 -15.48 -14.01 -14.44
CA ALA A 186 -15.14 -15.14 -15.32
C ALA A 186 -13.83 -14.81 -16.03
N LEU A 187 -12.84 -15.68 -15.91
CA LEU A 187 -11.55 -15.56 -16.63
C LEU A 187 -10.99 -16.97 -16.84
N GLY A 188 -10.56 -17.27 -18.06
CA GLY A 188 -10.01 -18.58 -18.43
C GLY A 188 -8.82 -18.92 -17.57
N TYR A 189 -8.67 -20.19 -17.17
CA TYR A 189 -7.60 -20.62 -16.23
C TYR A 189 -6.22 -20.40 -16.85
N ARG A 190 -6.08 -20.52 -18.18
CA ARG A 190 -4.77 -20.30 -18.85
C ARG A 190 -4.43 -18.81 -18.74
N GLN A 191 -5.37 -17.92 -19.04
CA GLN A 191 -5.12 -16.45 -18.88
C GLN A 191 -4.79 -16.12 -17.41
N GLU A 192 -5.55 -16.63 -16.46
CA GLU A 192 -5.27 -16.38 -15.02
C GLU A 192 -3.83 -16.78 -14.70
N THR A 193 -3.41 -17.95 -15.18
CA THR A 193 -2.06 -18.48 -14.89
C THR A 193 -1.03 -17.45 -15.32
N PHE A 194 -1.09 -17.01 -16.58
CA PHE A 194 -0.04 -16.16 -17.19
C PHE A 194 -0.07 -14.77 -16.55
N LEU A 195 -1.27 -14.24 -16.33
CA LEU A 195 -1.48 -12.92 -15.69
C LEU A 195 -0.91 -12.92 -14.27
N ASP A 196 -1.31 -13.92 -13.49
CA ASP A 196 -0.89 -14.08 -12.08
C ASP A 196 0.64 -14.15 -12.01
N LEU A 197 1.25 -15.02 -12.83
CA LEU A 197 2.72 -15.23 -12.80
C LEU A 197 3.42 -13.93 -13.24
N PHE A 198 2.84 -13.17 -14.18
CA PHE A 198 3.41 -11.89 -14.67
C PHE A 198 3.49 -10.89 -13.51
N GLN A 199 2.44 -10.83 -12.68
CA GLN A 199 2.39 -9.92 -11.50
C GLN A 199 3.56 -10.25 -10.56
N GLU A 200 3.86 -11.54 -10.43
CA GLU A 200 4.86 -12.08 -9.48
C GLU A 200 6.29 -11.94 -10.01
N GLN A 201 6.47 -11.98 -11.33
CA GLN A 201 7.80 -12.13 -11.97
C GLN A 201 8.25 -10.79 -12.57
N PHE A 202 7.33 -9.98 -13.07
CA PHE A 202 7.70 -8.62 -13.56
C PHE A 202 7.33 -7.57 -12.52
N LEU A 203 6.06 -7.44 -12.16
CA LEU A 203 5.62 -6.19 -11.48
C LEU A 203 6.15 -6.15 -10.05
N ALA A 204 5.91 -7.18 -9.23
CA ALA A 204 6.32 -7.15 -7.81
C ALA A 204 7.82 -6.94 -7.71
N PRO A 205 8.69 -7.70 -8.41
CA PRO A 205 10.13 -7.44 -8.32
C PRO A 205 10.55 -6.04 -8.84
N ALA A 206 9.92 -5.56 -9.91
CA ALA A 206 10.24 -4.24 -10.49
C ALA A 206 9.88 -3.15 -9.49
N LEU A 207 8.76 -3.28 -8.77
CA LEU A 207 8.34 -2.26 -7.76
C LEU A 207 9.37 -2.28 -6.63
N VAL A 208 9.75 -3.46 -6.13
CA VAL A 208 10.74 -3.53 -5.01
C VAL A 208 12.10 -3.05 -5.55
N ASP A 209 12.52 -3.46 -6.76
CA ASP A 209 13.80 -3.00 -7.34
C ASP A 209 13.82 -1.47 -7.47
N LEU A 210 12.70 -0.84 -7.81
CA LEU A 210 12.62 0.65 -7.95
C LEU A 210 12.80 1.30 -6.58
N VAL A 211 12.09 0.78 -5.57
CA VAL A 211 12.19 1.26 -4.17
C VAL A 211 13.66 1.14 -3.73
N GLU A 212 14.29 0.01 -4.04
CA GLU A 212 15.70 -0.27 -3.66
C GLU A 212 16.63 0.67 -4.41
N THR A 213 16.35 0.94 -5.69
CA THR A 213 17.13 1.88 -6.52
C THR A 213 17.07 3.29 -5.91
N GLY A 214 15.89 3.74 -5.49
CA GLY A 214 15.74 5.05 -4.83
C GLY A 214 16.56 5.11 -3.56
N PHE A 215 16.49 4.06 -2.74
CA PHE A 215 17.25 3.97 -1.47
C PHE A 215 18.75 4.06 -1.78
N GLN A 216 19.24 3.27 -2.74
CA GLN A 216 20.68 3.21 -3.11
C GLN A 216 21.14 4.59 -3.58
N VAL A 217 20.39 5.25 -4.46
CA VAL A 217 20.82 6.55 -5.05
C VAL A 217 20.86 7.61 -3.93
N LEU A 218 19.86 7.64 -3.07
CA LEU A 218 19.84 8.60 -1.93
C LEU A 218 21.06 8.35 -1.03
N VAL A 219 21.34 7.08 -0.71
CA VAL A 219 22.47 6.78 0.22
C VAL A 219 23.78 7.19 -0.47
N GLU A 220 23.93 6.88 -1.76
CA GLU A 220 25.13 7.26 -2.56
C GLU A 220 25.33 8.78 -2.53
N ARG A 221 24.23 9.52 -2.52
CA ARG A 221 24.24 11.00 -2.68
C ARG A 221 24.25 11.65 -1.29
N GLY A 222 24.51 10.86 -0.24
CA GLY A 222 24.87 11.37 1.10
C GLY A 222 23.69 11.60 2.01
N PHE A 223 22.52 11.04 1.68
CA PHE A 223 21.31 11.17 2.53
C PHE A 223 21.37 10.18 3.68
N ASN A 224 20.75 10.57 4.80
CA ASN A 224 20.52 9.72 6.00
C ASN A 224 19.85 8.41 5.59
N PRO A 225 20.49 7.23 5.78
CA PRO A 225 19.84 5.97 5.40
C PRO A 225 18.49 5.65 6.05
N LYS A 226 18.27 6.01 7.31
CA LYS A 226 16.92 5.81 7.92
C LYS A 226 15.89 6.65 7.16
N ALA A 227 16.21 7.92 6.87
CA ALA A 227 15.29 8.82 6.16
C ALA A 227 15.04 8.29 4.73
N ALA A 228 16.10 7.88 4.04
CA ALA A 228 16.00 7.35 2.67
C ALA A 228 15.04 6.15 2.68
N LEU A 229 15.21 5.25 3.65
CA LEU A 229 14.40 4.01 3.76
C LEU A 229 12.95 4.39 4.07
N LEU A 230 12.73 5.34 4.97
CA LEU A 230 11.36 5.80 5.30
C LEU A 230 10.67 6.36 4.05
N GLU A 231 11.35 7.22 3.29
CA GLU A 231 10.69 7.88 2.12
C GLU A 231 10.39 6.86 1.02
N VAL A 232 11.27 5.91 0.74
CA VAL A 232 11.05 4.99 -0.42
C VAL A 232 9.98 3.94 -0.11
N TYR A 233 9.72 3.59 1.15
CA TYR A 233 8.53 2.76 1.53
C TYR A 233 8.30 2.70 3.03
N GLY A 234 9.33 2.84 3.88
CA GLY A 234 9.21 2.45 5.30
C GLY A 234 8.27 3.34 6.12
N SER A 235 8.00 4.57 5.68
CA SER A 235 7.00 5.46 6.35
C SER A 235 5.58 4.94 6.12
N GLY A 236 5.38 4.12 5.09
CA GLY A 236 4.07 3.59 4.67
C GLY A 236 3.40 4.49 3.66
N GLN A 237 4.01 5.63 3.32
CA GLN A 237 3.37 6.59 2.39
C GLN A 237 3.23 5.97 1.00
N MET A 238 4.28 5.35 0.46
CA MET A 238 4.20 4.81 -0.92
C MET A 238 3.17 3.67 -0.99
N GLY A 239 3.08 2.83 0.05
CA GLY A 239 2.07 1.77 0.11
C GLY A 239 0.67 2.34 0.27
N LYS A 240 0.50 3.35 1.11
CA LYS A 240 -0.83 4.01 1.31
C LYS A 240 -1.30 4.63 -0.01
N MET A 241 -0.38 5.27 -0.75
CA MET A 241 -0.70 5.85 -2.08
C MET A 241 -1.19 4.73 -3.01
N MET A 242 -0.51 3.58 -3.01
CA MET A 242 -0.82 2.46 -3.93
C MET A 242 -2.14 1.76 -3.52
N LEU A 243 -2.42 1.69 -2.21
CA LEU A 243 -3.64 1.03 -1.70
C LEU A 243 -4.84 1.97 -1.85
N ASP A 244 -4.70 3.24 -1.47
CA ASP A 244 -5.75 4.26 -1.73
C ASP A 244 -5.94 4.39 -3.25
N GLY A 245 -4.87 4.27 -4.04
CA GLY A 245 -4.97 4.34 -5.51
C GLY A 245 -5.87 3.24 -6.05
N ALA A 246 -5.83 2.05 -5.44
CA ALA A 246 -6.75 0.96 -5.81
C ALA A 246 -8.18 1.48 -5.75
N ASP A 247 -8.52 2.30 -4.75
CA ASP A 247 -9.90 2.83 -4.58
C ASP A 247 -10.18 3.89 -5.65
N ILE A 248 -9.37 4.95 -5.72
CA ILE A 248 -9.77 6.21 -6.42
C ILE A 248 -8.94 6.45 -7.68
N GLY A 249 -7.86 5.70 -7.91
CA GLY A 249 -6.92 5.93 -9.03
C GLY A 249 -5.61 6.54 -8.55
N LEU A 250 -4.49 6.17 -9.18
CA LEU A 250 -3.16 6.55 -8.66
C LEU A 250 -2.93 8.06 -8.92
N ASP A 251 -3.24 8.54 -10.12
CA ASP A 251 -3.10 9.99 -10.45
C ASP A 251 -4.06 10.80 -9.56
N GLU A 252 -5.24 10.26 -9.27
CA GLU A 252 -6.25 10.90 -8.39
C GLU A 252 -5.72 11.04 -6.95
N VAL A 253 -5.05 10.04 -6.39
CA VAL A 253 -4.47 10.15 -5.01
C VAL A 253 -3.55 11.37 -4.97
N VAL A 254 -2.72 11.57 -6.00
CA VAL A 254 -1.76 12.71 -6.01
C VAL A 254 -2.55 14.03 -6.10
N ALA A 255 -3.58 14.09 -6.95
CA ALA A 255 -4.44 15.29 -7.11
C ALA A 255 -5.12 15.64 -5.77
N LEU A 256 -5.53 14.63 -5.00
CA LEU A 256 -6.35 14.84 -3.79
C LEU A 256 -5.45 15.13 -2.58
N GLN A 257 -4.35 14.38 -2.45
CA GLN A 257 -3.59 14.31 -1.18
C GLN A 257 -2.25 15.03 -1.30
N GLY A 258 -1.79 15.33 -2.51
CA GLY A 258 -0.50 15.99 -2.73
C GLY A 258 -0.59 17.50 -2.53
N SER A 259 0.39 18.11 -1.85
CA SER A 259 0.60 19.58 -1.85
C SER A 259 0.77 20.01 -3.31
N PRO A 260 0.53 21.28 -3.66
CA PRO A 260 0.82 21.71 -5.01
C PRO A 260 2.27 21.47 -5.42
N THR A 261 3.22 21.61 -4.49
CA THR A 261 4.66 21.35 -4.71
C THR A 261 4.81 19.90 -5.21
N CYS A 262 4.17 18.97 -4.50
CA CYS A 262 4.17 17.52 -4.81
C CYS A 262 3.59 17.30 -6.20
N GLN A 263 2.43 17.88 -6.49
CA GLN A 263 1.70 17.65 -7.76
C GLN A 263 2.53 18.16 -8.93
N VAL A 264 3.11 19.35 -8.80
CA VAL A 264 3.95 19.94 -9.87
C VAL A 264 5.16 19.02 -10.12
N GLY A 265 5.82 18.56 -9.05
CA GLY A 265 6.98 17.66 -9.19
C GLY A 265 6.59 16.34 -9.87
N TYR A 266 5.52 15.73 -9.39
CA TYR A 266 5.01 14.42 -9.86
C TYR A 266 4.73 14.50 -11.37
N HIS A 267 4.05 15.56 -11.81
CA HIS A 267 3.60 15.70 -13.23
C HIS A 267 4.78 16.14 -14.11
N ARG A 268 5.90 16.61 -13.56
CA ARG A 268 7.12 16.90 -14.36
C ARG A 268 7.64 15.59 -14.97
N TRP A 269 7.53 14.48 -14.23
CA TRP A 269 8.20 13.20 -14.60
C TRP A 269 7.20 12.08 -14.85
N ARG A 270 5.94 12.21 -14.43
CA ARG A 270 4.88 11.22 -14.74
C ARG A 270 4.89 10.91 -16.24
N GLY A 271 4.96 9.64 -16.59
CA GLY A 271 4.95 9.16 -17.99
C GLY A 271 6.31 9.27 -18.64
N ARG A 272 7.37 9.65 -17.91
CA ARG A 272 8.69 9.96 -18.52
C ARG A 272 9.86 9.24 -17.83
N THR A 273 9.64 8.41 -16.80
CA THR A 273 10.75 7.92 -15.93
C THR A 273 11.43 6.67 -16.50
N LEU A 274 10.76 5.89 -17.35
CA LEU A 274 11.27 4.53 -17.72
C LEU A 274 11.77 4.49 -19.16
N PRO A 275 12.96 3.88 -19.41
CA PRO A 275 13.41 3.64 -20.78
C PRO A 275 12.67 2.42 -21.35
N THR A 276 12.83 2.15 -22.65
CA THR A 276 12.03 1.09 -23.32
C THR A 276 12.52 -0.28 -22.85
N ALA A 277 13.72 -0.37 -22.26
CA ALA A 277 14.27 -1.64 -21.71
C ALA A 277 13.31 -2.23 -20.66
N VAL A 278 12.52 -1.41 -19.98
CA VAL A 278 11.56 -1.90 -18.95
C VAL A 278 10.41 -2.64 -19.65
N ARG A 279 9.72 -2.02 -20.62
CA ARG A 279 8.62 -2.68 -21.35
C ARG A 279 9.18 -3.89 -22.12
N GLU A 280 10.43 -3.86 -22.56
CA GLU A 280 11.06 -5.00 -23.30
C GLU A 280 11.26 -6.19 -22.34
N LEU A 281 11.66 -5.93 -21.09
CA LEU A 281 11.86 -7.01 -20.09
C LEU A 281 10.49 -7.59 -19.70
N ALA A 282 9.47 -6.73 -19.50
CA ALA A 282 8.08 -7.19 -19.24
C ALA A 282 7.66 -8.20 -20.33
N ALA A 283 7.92 -7.87 -21.60
CA ALA A 283 7.59 -8.76 -22.74
C ALA A 283 8.39 -10.05 -22.62
N ARG A 284 9.68 -9.99 -22.28
CA ARG A 284 10.54 -11.19 -22.15
C ARG A 284 10.02 -12.09 -21.01
N VAL A 285 9.56 -11.50 -19.90
CA VAL A 285 9.02 -12.27 -18.73
C VAL A 285 7.73 -12.97 -19.18
N LEU A 286 6.83 -12.26 -19.86
CA LEU A 286 5.57 -12.85 -20.41
C LEU A 286 5.91 -14.03 -21.33
N ASP A 287 6.91 -13.87 -22.19
CA ASP A 287 7.37 -14.94 -23.12
C ASP A 287 7.85 -16.17 -22.34
N GLN A 288 8.64 -15.98 -21.27
CA GLN A 288 9.08 -17.09 -20.39
C GLN A 288 7.86 -17.79 -19.79
N ILE A 289 6.84 -17.02 -19.39
CA ILE A 289 5.62 -17.55 -18.73
C ILE A 289 4.80 -18.34 -19.75
N GLU A 290 4.55 -17.75 -20.93
CA GLU A 290 3.60 -18.30 -21.91
C GLU A 290 4.19 -19.52 -22.61
N GLY A 291 5.52 -19.63 -22.71
CA GLY A 291 6.19 -20.67 -23.51
C GLY A 291 6.81 -21.79 -22.68
N GLY A 292 6.53 -21.85 -21.37
CA GLY A 292 6.87 -23.01 -20.52
C GLY A 292 8.26 -22.91 -19.88
N ASP A 293 9.02 -21.83 -20.15
CA ASP A 293 10.39 -21.67 -19.61
C ASP A 293 10.29 -21.52 -18.09
N PHE A 294 9.38 -20.68 -17.60
CA PHE A 294 9.24 -20.56 -16.13
C PHE A 294 8.76 -21.89 -15.53
N SER A 295 7.82 -22.56 -16.19
CA SER A 295 7.27 -23.85 -15.69
C SER A 295 8.42 -24.85 -15.45
N ALA A 296 9.38 -24.92 -16.37
CA ALA A 296 10.58 -25.79 -16.30
C ALA A 296 11.46 -25.34 -15.14
N TYR A 297 11.69 -24.02 -15.01
CA TYR A 297 12.48 -23.39 -13.92
C TYR A 297 11.85 -23.73 -12.56
N LEU A 298 10.53 -23.61 -12.44
CA LEU A 298 9.79 -23.91 -11.18
C LEU A 298 9.94 -25.39 -10.83
N LYS A 299 9.75 -26.30 -11.80
CA LYS A 299 9.89 -27.77 -11.57
C LYS A 299 11.29 -28.03 -10.98
N GLU A 300 12.34 -27.38 -11.54
CA GLU A 300 13.75 -27.55 -11.08
C GLU A 300 13.91 -27.01 -9.64
N GLN A 301 13.36 -25.83 -9.37
CA GLN A 301 13.51 -25.14 -8.05
C GLN A 301 12.79 -25.91 -6.94
N ALA A 302 11.69 -26.61 -7.25
CA ALA A 302 10.94 -27.44 -6.29
C ALA A 302 11.81 -28.59 -5.76
N SER A 303 13.02 -28.77 -6.30
CA SER A 303 13.97 -29.87 -5.97
C SER A 303 14.57 -29.68 -4.57
N ASN A 304 14.74 -30.79 -3.86
CA ASN A 304 15.15 -30.83 -2.43
C ASN A 304 14.35 -29.79 -1.65
N ASP A 305 13.03 -29.77 -1.85
CA ASP A 305 12.06 -28.93 -1.11
C ASP A 305 12.51 -27.46 -1.18
N TYR A 306 12.73 -26.95 -2.40
CA TYR A 306 12.94 -25.51 -2.68
C TYR A 306 14.24 -25.02 -2.02
N ALA A 307 15.32 -25.82 -2.04
CA ALA A 307 16.61 -25.47 -1.40
C ALA A 307 17.11 -24.10 -1.90
N SER A 308 17.03 -23.85 -3.22
CA SER A 308 17.58 -22.63 -3.86
C SER A 308 16.77 -21.41 -3.41
N LEU A 309 15.46 -21.57 -3.23
CA LEU A 309 14.59 -20.50 -2.71
C LEU A 309 15.01 -20.17 -1.27
N ASP A 310 15.31 -21.18 -0.45
CA ASP A 310 15.74 -20.94 0.95
C ASP A 310 16.97 -20.03 0.91
N ASP A 311 17.92 -20.35 0.03
CA ASP A 311 19.19 -19.60 -0.09
C ASP A 311 18.86 -18.15 -0.52
N ALA A 312 17.93 -17.97 -1.46
CA ALA A 312 17.57 -16.63 -2.00
C ALA A 312 16.87 -15.79 -0.91
N ARG A 313 15.99 -16.42 -0.15
CA ARG A 313 15.27 -15.76 0.98
C ARG A 313 16.29 -15.24 2.00
N ARG A 314 17.23 -16.08 2.44
CA ARG A 314 18.21 -15.72 3.48
C ARG A 314 19.10 -14.59 2.95
N ALA A 315 19.58 -14.73 1.72
CA ALA A 315 20.48 -13.74 1.08
C ALA A 315 19.77 -12.38 1.01
N ALA A 316 18.47 -12.34 0.66
CA ALA A 316 17.76 -11.04 0.48
C ALA A 316 17.76 -10.27 1.81
N LEU A 317 17.65 -10.95 2.96
CA LEU A 317 17.59 -10.29 4.28
C LEU A 317 18.90 -9.55 4.58
N LYS A 318 20.00 -9.94 3.94
CA LYS A 318 21.35 -9.37 4.20
C LYS A 318 21.59 -8.16 3.28
N ARG A 319 20.70 -7.91 2.31
CA ARG A 319 20.84 -6.75 1.40
C ARG A 319 20.74 -5.47 2.21
N PRO A 320 21.50 -4.42 1.82
CA PRO A 320 21.42 -3.12 2.51
C PRO A 320 20.00 -2.61 2.79
N LEU A 321 19.08 -2.75 1.84
CA LEU A 321 17.68 -2.31 2.02
C LEU A 321 17.08 -2.97 3.26
N ASN A 322 17.34 -4.26 3.46
CA ASN A 322 16.70 -5.05 4.56
C ASN A 322 17.48 -4.87 5.87
N VAL A 323 18.79 -4.63 5.80
CA VAL A 323 19.60 -4.22 6.99
C VAL A 323 19.06 -2.87 7.50
N ALA A 324 18.84 -1.91 6.61
CA ALA A 324 18.27 -0.59 6.93
C ALA A 324 16.82 -0.77 7.43
N HIS A 325 16.08 -1.71 6.86
CA HIS A 325 14.68 -1.90 7.33
C HIS A 325 14.65 -2.31 8.81
N ALA A 326 15.53 -3.23 9.20
CA ALA A 326 15.58 -3.72 10.60
C ALA A 326 15.90 -2.55 11.53
N GLN A 327 16.84 -1.68 11.12
CA GLN A 327 17.25 -0.50 11.94
C GLN A 327 16.06 0.48 12.05
N VAL A 328 15.39 0.77 10.94
CA VAL A 328 14.25 1.74 10.94
C VAL A 328 13.10 1.17 11.79
N ARG A 329 12.75 -0.10 11.57
CA ARG A 329 11.60 -0.70 12.29
C ARG A 329 11.85 -0.74 13.81
N ALA A 330 13.10 -0.94 14.22
CA ALA A 330 13.43 -0.95 15.67
C ALA A 330 13.33 0.47 16.26
N ALA A 331 13.45 1.50 15.42
CA ALA A 331 13.56 2.94 15.81
C ALA A 331 12.21 3.68 15.70
N PHE A 332 11.33 3.21 14.82
CA PHE A 332 10.02 3.82 14.48
C PHE A 332 8.92 2.78 14.65
N ARG A 333 7.90 3.13 15.44
CA ARG A 333 6.76 2.23 15.66
C ARG A 333 5.83 2.35 14.45
N PHE A 334 5.49 1.21 13.85
CA PHE A 334 4.57 1.14 12.70
C PHE A 334 3.18 0.76 13.21
N PRO A 335 2.10 1.39 12.69
CA PRO A 335 0.74 1.00 13.09
C PRO A 335 0.41 -0.45 12.69
N THR A 336 0.06 -1.28 13.67
CA THR A 336 -0.34 -2.69 13.49
C THR A 336 -1.66 -2.91 14.25
N GLU A 337 -2.37 -3.99 13.94
CA GLU A 337 -3.54 -4.45 14.74
C GLU A 337 -3.23 -5.87 15.20
N ALA A 338 -3.70 -6.21 16.40
CA ALA A 338 -3.52 -7.54 17.01
C ALA A 338 -4.04 -8.58 16.02
N ALA A 339 -3.27 -9.65 15.78
CA ALA A 339 -3.62 -10.72 14.81
C ALA A 339 -3.90 -12.04 15.54
N GLY A 340 -3.66 -12.11 16.86
CA GLY A 340 -3.94 -13.29 17.69
C GLY A 340 -5.41 -13.68 17.62
N GLY A 341 -5.68 -14.94 17.27
CA GLY A 341 -7.04 -15.50 17.23
C GLY A 341 -7.82 -15.11 15.98
N LEU A 342 -7.16 -14.47 15.00
CA LEU A 342 -7.86 -13.93 13.78
C LEU A 342 -8.64 -15.05 13.07
N TYR A 343 -8.11 -16.27 13.07
CA TYR A 343 -8.66 -17.42 12.32
C TYR A 343 -9.45 -18.36 13.23
N GLN A 344 -9.64 -18.01 14.51
CA GLN A 344 -10.57 -18.76 15.40
C GLN A 344 -12.01 -18.39 15.01
N ALA A 345 -12.97 -19.25 15.38
CA ALA A 345 -14.42 -19.07 15.11
C ALA A 345 -14.85 -17.70 15.63
N ALA A 346 -15.65 -16.96 14.85
CA ALA A 346 -16.13 -15.59 15.17
C ALA A 346 -17.38 -15.63 16.04
N MET B 4 26.70 7.68 10.97
CA MET B 4 26.52 6.34 11.64
C MET B 4 25.11 6.30 12.24
N ALA B 5 24.49 5.11 12.27
CA ALA B 5 23.09 4.87 12.70
C ALA B 5 22.89 5.32 14.16
N SER B 6 23.91 5.16 15.00
CA SER B 6 23.91 5.54 16.45
C SER B 6 23.69 7.06 16.61
N ASN B 7 24.06 7.87 15.62
CA ASN B 7 24.01 9.37 15.64
C ASN B 7 22.56 9.87 15.47
N ASP B 8 21.63 9.05 15.01
CA ASP B 8 20.24 9.51 14.75
C ASP B 8 19.54 9.81 16.07
N LEU B 9 18.88 10.96 16.13
CA LEU B 9 18.12 11.45 17.30
C LEU B 9 16.63 11.28 17.03
N ILE B 10 15.99 10.29 17.68
CA ILE B 10 14.58 9.91 17.39
C ILE B 10 13.80 9.99 18.70
N TYR B 11 12.78 10.84 18.71
CA TYR B 11 11.88 11.06 19.87
C TYR B 11 10.60 10.25 19.68
N GLN B 12 10.19 9.55 20.73
CA GLN B 12 8.87 8.88 20.85
C GLN B 12 8.15 9.53 22.02
N ASP B 13 7.00 8.97 22.45
CA ASP B 13 6.12 9.60 23.45
C ASP B 13 6.88 9.83 24.76
N GLU B 14 7.77 8.91 25.13
CA GLU B 14 8.54 8.96 26.40
C GLU B 14 9.52 10.14 26.36
N HIS B 15 9.75 10.75 25.20
CA HIS B 15 10.74 11.85 25.05
C HIS B 15 10.06 13.19 24.79
N ALA B 16 8.74 13.30 24.96
CA ALA B 16 7.99 14.53 24.64
C ALA B 16 6.82 14.64 25.62
N SER B 17 6.28 15.84 25.79
CA SER B 17 5.12 16.03 26.68
C SER B 17 4.25 17.18 26.18
N LEU B 18 3.01 17.26 26.68
CA LEU B 18 2.06 18.35 26.33
C LEU B 18 2.29 19.55 27.25
N GLN B 19 3.15 19.42 28.27
CA GLN B 19 3.32 20.48 29.32
C GLN B 19 3.71 21.81 28.67
N PRO B 20 4.60 21.88 27.66
CA PRO B 20 4.94 23.16 27.02
C PRO B 20 3.76 23.90 26.38
N LEU B 21 2.64 23.21 26.16
CA LEU B 21 1.46 23.80 25.48
C LEU B 21 0.43 24.27 26.52
N GLU B 22 0.66 24.05 27.81
CA GLU B 22 -0.28 24.51 28.88
C GLU B 22 -0.41 26.04 28.78
N GLY B 23 -1.65 26.51 28.63
CA GLY B 23 -2.02 27.94 28.59
C GLY B 23 -1.69 28.61 27.26
N ARG B 24 -1.24 27.85 26.25
CA ARG B 24 -0.77 28.41 24.96
C ARG B 24 -1.80 28.11 23.88
N THR B 25 -1.89 29.00 22.89
CA THR B 25 -2.77 28.86 21.71
C THR B 25 -1.93 28.58 20.47
N VAL B 26 -2.33 27.56 19.71
CA VAL B 26 -1.70 27.25 18.40
C VAL B 26 -2.63 27.81 17.33
N ALA B 27 -2.05 28.55 16.38
CA ALA B 27 -2.75 29.01 15.17
C ALA B 27 -2.31 28.09 14.04
N VAL B 28 -3.25 27.31 13.54
CA VAL B 28 -3.04 26.49 12.33
C VAL B 28 -3.38 27.40 11.14
N ILE B 29 -2.39 27.76 10.34
CA ILE B 29 -2.58 28.60 9.12
C ILE B 29 -2.79 27.64 7.95
N GLY B 30 -3.98 27.65 7.37
CA GLY B 30 -4.40 26.68 6.34
C GLY B 30 -5.15 25.53 6.97
N TYR B 31 -6.02 24.91 6.20
CA TYR B 31 -6.94 23.87 6.69
C TYR B 31 -7.09 22.84 5.58
N GLY B 32 -5.98 22.63 4.88
CA GLY B 32 -5.86 21.68 3.77
C GLY B 32 -5.50 20.30 4.28
N ILE B 33 -4.73 19.57 3.48
CA ILE B 33 -4.37 18.15 3.72
C ILE B 33 -3.71 18.05 5.09
N GLN B 34 -2.70 18.89 5.36
CA GLN B 34 -1.99 18.88 6.67
C GLN B 34 -2.78 19.69 7.71
N GLY B 35 -3.20 20.93 7.37
CA GLY B 35 -3.88 21.84 8.30
C GLY B 35 -5.07 21.20 8.99
N ARG B 36 -5.94 20.53 8.24
CA ARG B 36 -7.15 19.92 8.84
C ARG B 36 -6.74 18.84 9.86
N ALA B 37 -5.72 18.04 9.55
CA ALA B 37 -5.27 16.93 10.44
C ALA B 37 -4.64 17.50 11.71
N PHE B 38 -3.77 18.49 11.58
CA PHE B 38 -3.13 19.18 12.74
C PHE B 38 -4.22 19.77 13.63
N ALA B 39 -5.18 20.51 13.04
CA ALA B 39 -6.22 21.18 13.83
C ALA B 39 -7.05 20.14 14.61
N ALA B 40 -7.50 19.07 13.95
CA ALA B 40 -8.39 18.07 14.58
C ALA B 40 -7.64 17.37 15.72
N ASN B 41 -6.39 16.97 15.47
CA ASN B 41 -5.59 16.21 16.46
C ASN B 41 -5.21 17.12 17.65
N LEU B 42 -4.81 18.37 17.40
CA LEU B 42 -4.49 19.35 18.49
C LEU B 42 -5.71 19.52 19.41
N ARG B 43 -6.90 19.73 18.82
CA ARG B 43 -8.13 19.94 19.62
C ARG B 43 -8.41 18.70 20.47
N ASP B 44 -8.31 17.52 19.86
CA ASP B 44 -8.65 16.24 20.55
C ASP B 44 -7.60 15.94 21.63
N SER B 45 -6.38 16.47 21.49
CA SER B 45 -5.30 16.37 22.50
C SER B 45 -5.44 17.40 23.64
N GLY B 46 -6.48 18.24 23.62
CA GLY B 46 -6.70 19.25 24.69
C GLY B 46 -5.85 20.49 24.52
N VAL B 47 -5.44 20.81 23.29
CA VAL B 47 -4.57 22.00 23.02
C VAL B 47 -5.48 23.08 22.43
N ALA B 48 -5.39 24.32 22.93
CA ALA B 48 -6.17 25.46 22.41
C ALA B 48 -5.73 25.72 20.97
N VAL B 49 -6.69 25.70 20.03
CA VAL B 49 -6.35 25.83 18.59
C VAL B 49 -7.31 26.84 17.93
N ARG B 50 -6.73 27.68 17.07
CA ARG B 50 -7.43 28.62 16.18
C ARG B 50 -6.98 28.31 14.76
N VAL B 51 -7.82 28.61 13.77
CA VAL B 51 -7.48 28.44 12.33
C VAL B 51 -7.44 29.82 11.68
N GLY B 52 -6.35 30.09 10.98
CA GLY B 52 -6.18 31.28 10.12
C GLY B 52 -6.24 30.84 8.66
N ASN B 53 -7.11 31.46 7.86
CA ASN B 53 -7.35 31.00 6.47
C ASN B 53 -7.86 32.19 5.64
N ILE B 54 -7.46 32.22 4.36
CA ILE B 54 -8.00 33.17 3.35
C ILE B 54 -9.47 32.82 3.07
N ASP B 55 -10.13 33.64 2.26
CA ASP B 55 -11.58 33.52 1.95
C ASP B 55 -11.82 32.49 0.83
N ASP B 56 -11.90 31.21 1.17
CA ASP B 56 -12.09 30.10 0.21
C ASP B 56 -12.83 28.94 0.90
N ARG B 57 -12.99 27.79 0.23
CA ARG B 57 -13.84 26.69 0.73
C ARG B 57 -13.29 26.16 2.06
N TYR B 58 -11.99 26.29 2.30
CA TYR B 58 -11.33 25.74 3.52
C TYR B 58 -11.74 26.55 4.75
N PHE B 59 -11.94 27.86 4.60
CA PHE B 59 -12.48 28.73 5.68
C PHE B 59 -13.82 28.16 6.16
N GLU B 60 -14.72 27.85 5.23
CA GLU B 60 -16.09 27.38 5.54
C GLU B 60 -16.00 26.00 6.19
N LEU B 61 -15.12 25.14 5.68
CA LEU B 61 -14.94 23.77 6.21
C LEU B 61 -14.48 23.84 7.67
N ALA B 62 -13.53 24.73 7.97
CA ALA B 62 -13.02 24.90 9.35
C ALA B 62 -14.17 25.33 10.26
N ARG B 63 -15.05 26.23 9.79
CA ARG B 63 -16.22 26.65 10.59
C ARG B 63 -17.20 25.49 10.77
N ALA B 64 -17.48 24.77 9.69
CA ALA B 64 -18.41 23.61 9.70
C ALA B 64 -17.90 22.56 10.70
N GLU B 65 -16.58 22.48 10.87
CA GLU B 65 -15.93 21.48 11.77
C GLU B 65 -15.67 22.08 13.16
N GLY B 66 -16.30 23.21 13.47
CA GLY B 66 -16.46 23.72 14.86
C GLY B 66 -15.25 24.50 15.35
N HIS B 67 -14.36 24.92 14.45
CA HIS B 67 -13.13 25.67 14.82
C HIS B 67 -13.44 27.17 14.96
N ARG B 68 -12.55 27.88 15.66
CA ARG B 68 -12.47 29.35 15.67
C ARG B 68 -11.63 29.77 14.46
N VAL B 69 -12.26 30.42 13.48
CA VAL B 69 -11.64 30.71 12.15
C VAL B 69 -11.65 32.22 11.91
N THR B 70 -10.50 32.74 11.48
CA THR B 70 -10.31 34.16 11.10
C THR B 70 -9.36 34.20 9.92
N ASN B 71 -9.17 35.37 9.36
CA ASN B 71 -8.04 35.64 8.44
C ASN B 71 -6.75 35.27 9.16
N ILE B 72 -5.67 35.16 8.39
CA ILE B 72 -4.35 34.65 8.86
C ILE B 72 -3.74 35.63 9.87
N ALA B 73 -3.73 36.94 9.59
CA ALA B 73 -3.10 37.96 10.46
C ALA B 73 -3.72 37.91 11.87
N GLU B 74 -5.05 37.82 11.95
CA GLU B 74 -5.77 37.80 13.26
C GLU B 74 -5.41 36.51 14.03
N ALA B 75 -5.35 35.36 13.35
CA ALA B 75 -4.94 34.07 13.96
C ALA B 75 -3.53 34.19 14.55
N VAL B 76 -2.58 34.70 13.77
CA VAL B 76 -1.15 34.85 14.21
C VAL B 76 -1.11 35.79 15.43
N ALA B 77 -1.90 36.87 15.40
CA ALA B 77 -1.86 37.92 16.44
C ALA B 77 -2.31 37.37 17.80
N HIS B 78 -3.06 36.25 17.82
CA HIS B 78 -3.69 35.67 19.03
C HIS B 78 -3.10 34.28 19.34
N ALA B 79 -1.89 34.00 18.87
CA ALA B 79 -1.24 32.68 19.00
C ALA B 79 0.16 32.81 19.59
N ASP B 80 0.57 31.74 20.27
CA ASP B 80 1.91 31.52 20.85
C ASP B 80 2.73 30.62 19.92
N ILE B 81 2.07 29.82 19.11
CA ILE B 81 2.73 28.89 18.15
C ILE B 81 1.93 28.98 16.87
N VAL B 82 2.61 29.14 15.74
CA VAL B 82 1.98 29.30 14.41
C VAL B 82 2.50 28.17 13.54
N LEU B 83 1.59 27.41 12.93
CA LEU B 83 1.94 26.33 11.98
C LEU B 83 1.54 26.78 10.58
N LEU B 84 2.51 26.95 9.70
CA LEU B 84 2.29 27.48 8.35
C LEU B 84 2.02 26.31 7.39
N LEU B 85 0.77 25.90 7.31
CA LEU B 85 0.34 24.70 6.54
C LEU B 85 -0.46 25.11 5.29
N ILE B 86 0.20 25.87 4.41
CA ILE B 86 -0.33 26.25 3.08
C ILE B 86 0.72 25.86 2.06
N PRO B 87 0.40 25.89 0.75
CA PRO B 87 1.40 25.55 -0.27
C PRO B 87 2.66 26.40 -0.18
N ASP B 88 3.80 25.75 -0.40
CA ASP B 88 5.14 26.36 -0.18
C ASP B 88 5.32 27.62 -1.01
N GLU B 89 4.84 27.64 -2.24
CA GLU B 89 5.07 28.85 -3.09
C GLU B 89 4.34 30.08 -2.51
N ALA B 90 3.36 29.91 -1.62
CA ALA B 90 2.58 31.01 -1.04
C ALA B 90 3.22 31.48 0.28
N HIS B 91 4.24 30.77 0.77
CA HIS B 91 4.87 31.09 2.08
C HIS B 91 5.43 32.52 2.07
N GLY B 92 6.17 32.91 1.03
CA GLY B 92 6.87 34.21 1.01
C GLY B 92 5.93 35.37 1.27
N ALA B 93 4.88 35.50 0.46
CA ALA B 93 3.96 36.67 0.53
C ALA B 93 3.21 36.66 1.87
N VAL B 94 2.73 35.50 2.32
CA VAL B 94 1.96 35.34 3.60
C VAL B 94 2.90 35.63 4.77
N PHE B 95 4.14 35.16 4.70
CA PHE B 95 5.16 35.42 5.75
C PHE B 95 5.39 36.93 5.86
N ASP B 96 5.67 37.58 4.73
CA ASP B 96 6.03 39.02 4.68
C ASP B 96 4.85 39.88 5.14
N VAL B 97 3.63 39.57 4.70
CA VAL B 97 2.45 40.48 4.90
C VAL B 97 1.68 40.07 6.16
N ASP B 98 1.43 38.77 6.38
CA ASP B 98 0.43 38.35 7.40
C ASP B 98 1.09 37.80 8.67
N ILE B 99 2.25 37.16 8.58
CA ILE B 99 2.86 36.46 9.76
C ILE B 99 3.90 37.36 10.44
N ALA B 100 5.00 37.70 9.77
CA ALA B 100 6.15 38.44 10.34
C ALA B 100 5.67 39.64 11.16
N PRO B 101 4.77 40.51 10.65
CA PRO B 101 4.35 41.69 11.42
C PRO B 101 3.45 41.38 12.62
N ASN B 102 2.96 40.14 12.76
CA ASN B 102 1.93 39.80 13.78
C ASN B 102 2.44 38.76 14.76
N LEU B 103 3.62 38.18 14.49
CA LEU B 103 4.20 37.11 15.32
C LEU B 103 4.65 37.74 16.63
N ARG B 104 4.06 37.29 17.75
CA ARG B 104 4.37 37.78 19.12
C ARG B 104 5.84 37.54 19.43
N ASP B 105 6.41 38.40 20.27
CA ASP B 105 7.67 38.14 21.02
C ASP B 105 7.68 36.72 21.62
N GLY B 106 8.68 35.91 21.27
CA GLY B 106 8.87 34.59 21.90
C GLY B 106 7.96 33.54 21.30
N ALA B 107 7.16 33.87 20.28
CA ALA B 107 6.32 32.87 19.59
C ALA B 107 7.21 31.99 18.71
N LEU B 108 6.66 30.84 18.33
CA LEU B 108 7.32 29.81 17.52
C LEU B 108 6.56 29.72 16.19
N LEU B 109 7.28 29.79 15.07
CA LEU B 109 6.72 29.51 13.73
C LEU B 109 7.28 28.17 13.25
N CYS B 110 6.41 27.27 12.81
CA CYS B 110 6.79 25.97 12.20
C CYS B 110 6.34 25.89 10.74
N VAL B 111 7.21 25.34 9.89
CA VAL B 111 6.86 24.89 8.51
C VAL B 111 6.89 23.36 8.50
N ALA B 112 6.21 22.75 7.53
CA ALA B 112 6.05 21.29 7.44
C ALA B 112 6.86 20.75 6.25
N HIS B 113 7.71 21.59 5.66
CA HIS B 113 8.60 21.27 4.50
C HIS B 113 9.70 22.35 4.48
N GLY B 114 10.93 21.98 4.17
CA GLY B 114 12.06 22.91 4.26
C GLY B 114 12.18 23.83 3.05
N HIS B 115 11.35 23.69 2.01
CA HIS B 115 11.59 24.38 0.72
C HIS B 115 11.63 25.90 0.92
N SER B 116 10.70 26.48 1.65
CA SER B 116 10.63 27.96 1.83
C SER B 116 11.82 28.44 2.68
N LEU B 117 12.37 27.59 3.56
CA LEU B 117 13.61 27.91 4.31
C LEU B 117 14.81 27.91 3.36
N VAL B 118 14.93 26.90 2.48
CA VAL B 118 16.07 26.81 1.53
C VAL B 118 16.05 28.06 0.65
N GLN B 119 14.86 28.50 0.20
CA GLN B 119 14.70 29.57 -0.81
C GLN B 119 14.81 30.96 -0.14
N GLY B 120 14.76 31.02 1.19
CA GLY B 120 14.81 32.29 1.95
C GLY B 120 13.47 33.00 1.98
N ASP B 121 12.37 32.32 1.68
CA ASP B 121 11.02 32.94 1.66
C ASP B 121 10.46 33.01 3.09
N VAL B 122 10.91 32.10 3.95
CA VAL B 122 10.64 32.15 5.42
C VAL B 122 12.02 32.20 6.10
N ARG B 123 12.21 33.17 6.99
CA ARG B 123 13.52 33.51 7.56
C ARG B 123 13.37 33.65 9.06
N PRO B 124 14.46 33.42 9.84
CA PRO B 124 14.45 33.71 11.28
C PRO B 124 14.09 35.17 11.54
N LEU B 125 13.37 35.41 12.63
CA LEU B 125 12.92 36.74 13.09
C LEU B 125 13.55 37.00 14.46
N PRO B 126 14.24 38.14 14.66
CA PRO B 126 14.78 38.45 15.98
C PRO B 126 13.68 38.28 17.04
N GLY B 127 14.00 37.59 18.12
CA GLY B 127 13.11 37.47 19.30
C GLY B 127 12.13 36.32 19.18
N ARG B 128 12.18 35.56 18.09
CA ARG B 128 11.19 34.47 17.84
C ARG B 128 11.90 33.16 17.50
N ASP B 129 11.14 32.07 17.53
CA ASP B 129 11.67 30.72 17.26
C ASP B 129 11.18 30.27 15.87
N LEU B 130 11.99 29.48 15.17
CA LEU B 130 11.65 28.97 13.82
C LEU B 130 12.03 27.50 13.73
N ALA B 131 11.11 26.66 13.27
CA ALA B 131 11.38 25.21 13.17
C ALA B 131 10.61 24.58 12.03
N MET B 132 11.10 23.39 11.64
CA MET B 132 10.44 22.46 10.71
C MET B 132 9.95 21.26 11.50
N LEU B 133 8.68 20.91 11.30
CA LEU B 133 8.11 19.61 11.72
C LEU B 133 7.42 19.05 10.48
N ALA B 134 8.08 18.12 9.80
CA ALA B 134 7.70 17.64 8.45
C ALA B 134 7.16 16.22 8.56
N PRO B 135 5.82 16.03 8.51
CA PRO B 135 5.22 14.71 8.54
C PRO B 135 5.62 13.89 7.30
N ARG B 136 5.70 12.57 7.45
CA ARG B 136 6.10 11.66 6.36
C ARG B 136 4.87 10.96 5.79
N MET B 137 3.70 11.56 5.96
CA MET B 137 2.41 10.96 5.57
C MET B 137 1.41 12.08 5.30
N TYR B 138 0.41 11.81 4.47
CA TYR B 138 -0.67 12.78 4.16
C TYR B 138 -1.73 12.72 5.28
N GLY B 139 -2.76 13.55 5.16
CA GLY B 139 -3.61 13.95 6.30
C GLY B 139 -4.53 12.85 6.79
N ASP B 140 -5.26 12.21 5.87
CA ASP B 140 -6.28 11.21 6.27
C ASP B 140 -5.62 10.13 7.13
N PRO B 141 -4.48 9.51 6.73
CA PRO B 141 -3.83 8.53 7.60
C PRO B 141 -3.36 9.10 8.95
N ILE B 142 -2.85 10.33 8.97
CA ILE B 142 -2.41 10.96 10.25
C ILE B 142 -3.62 10.97 11.19
N ARG B 143 -4.79 11.32 10.65
CA ARG B 143 -6.02 11.43 11.46
C ARG B 143 -6.53 10.03 11.87
N ARG B 144 -6.67 9.09 10.94
CA ARG B 144 -7.13 7.71 11.26
C ARG B 144 -6.18 7.07 12.30
N TYR B 145 -4.88 7.16 12.07
CA TYR B 145 -3.86 6.66 13.02
C TYR B 145 -4.08 7.28 14.40
N TYR B 146 -4.18 8.61 14.45
CA TYR B 146 -4.37 9.36 15.71
C TYR B 146 -5.55 8.77 16.49
N LEU B 147 -6.67 8.54 15.80
CA LEU B 147 -7.91 8.07 16.49
C LEU B 147 -7.75 6.62 16.96
N ALA B 148 -6.81 5.86 16.39
CA ALA B 148 -6.53 4.45 16.78
C ALA B 148 -5.36 4.37 17.77
N GLY B 149 -4.86 5.51 18.26
CA GLY B 149 -3.73 5.56 19.23
C GLY B 149 -2.38 5.35 18.57
N GLN B 150 -2.31 5.59 17.26
CA GLN B 150 -1.11 5.39 16.41
C GLN B 150 -0.68 6.73 15.83
N GLY B 151 0.39 6.73 15.05
CA GLY B 151 0.87 7.95 14.38
C GLY B 151 1.76 7.59 13.22
N ALA B 152 2.16 8.62 12.51
CA ALA B 152 3.06 8.59 11.35
C ALA B 152 4.36 9.25 11.76
N PRO B 153 5.50 8.88 11.13
CA PRO B 153 6.78 9.51 11.45
C PRO B 153 6.79 10.97 11.02
N ALA B 154 7.76 11.74 11.54
CA ALA B 154 8.02 13.13 11.12
C ALA B 154 9.52 13.42 11.28
N TYR B 155 10.04 14.37 10.52
CA TYR B 155 11.39 14.96 10.73
C TYR B 155 11.22 16.33 11.38
N PHE B 156 12.18 16.73 12.19
CA PHE B 156 12.16 18.10 12.77
C PHE B 156 13.55 18.70 12.70
N ASP B 157 13.58 20.04 12.66
CA ASP B 157 14.82 20.84 12.71
C ASP B 157 14.49 22.15 13.43
N ILE B 158 15.32 22.50 14.40
CA ILE B 158 15.21 23.79 15.14
C ILE B 158 16.13 24.78 14.42
N VAL B 159 15.56 25.73 13.70
CA VAL B 159 16.32 26.63 12.80
C VAL B 159 16.78 27.83 13.60
N ALA B 160 15.89 28.39 14.43
CA ALA B 160 16.19 29.55 15.28
C ALA B 160 15.48 29.38 16.62
N ASP B 161 16.19 29.63 17.72
CA ASP B 161 15.68 29.31 19.07
C ASP B 161 16.04 30.47 19.99
N HIS B 162 15.36 31.59 19.82
CA HIS B 162 15.55 32.77 20.70
C HIS B 162 15.21 32.38 22.13
N THR B 163 14.10 31.67 22.35
CA THR B 163 13.57 31.40 23.71
C THR B 163 14.42 30.35 24.43
N GLY B 164 15.09 29.48 23.67
CA GLY B 164 15.75 28.27 24.21
C GLY B 164 14.74 27.17 24.55
N ARG B 165 13.46 27.35 24.20
CA ARG B 165 12.37 26.39 24.51
C ARG B 165 11.75 25.85 23.20
N ALA B 166 12.35 26.14 22.03
CA ALA B 166 11.74 25.77 20.72
C ALA B 166 11.63 24.25 20.60
N ARG B 167 12.67 23.51 20.97
CA ARG B 167 12.72 22.02 20.83
C ARG B 167 11.54 21.38 21.57
N ASP B 168 11.33 21.71 22.84
CA ASP B 168 10.27 21.06 23.64
C ASP B 168 8.89 21.49 23.13
N ARG B 169 8.75 22.71 22.60
CA ARG B 169 7.46 23.18 22.03
C ARG B 169 7.18 22.45 20.69
N VAL B 170 8.16 22.36 19.80
CA VAL B 170 7.99 21.60 18.52
C VAL B 170 7.61 20.15 18.86
N LEU B 171 8.30 19.54 19.82
CA LEU B 171 8.03 18.10 20.12
C LEU B 171 6.70 17.95 20.85
N ALA B 172 6.26 18.97 21.59
CA ALA B 172 4.93 19.00 22.22
C ALA B 172 3.83 19.03 21.13
N ILE B 173 4.00 19.86 20.10
CA ILE B 173 3.11 19.83 18.90
C ILE B 173 3.12 18.42 18.32
N ALA B 174 4.31 17.85 18.12
CA ALA B 174 4.46 16.51 17.51
C ALA B 174 3.72 15.46 18.33
N ARG B 175 3.80 15.54 19.66
CA ARG B 175 3.11 14.57 20.54
C ARG B 175 1.61 14.77 20.41
N ALA B 176 1.15 16.01 20.42
CA ALA B 176 -0.30 16.36 20.39
C ALA B 176 -0.94 15.84 19.09
N VAL B 177 -0.20 15.81 17.98
CA VAL B 177 -0.71 15.46 16.62
C VAL B 177 -0.44 13.97 16.36
N GLY B 178 0.46 13.35 17.13
CA GLY B 178 0.63 11.89 17.23
C GLY B 178 1.92 11.37 16.59
N PHE B 179 2.78 12.23 16.05
CA PHE B 179 4.01 11.80 15.33
C PHE B 179 4.98 11.05 16.26
N THR B 180 5.00 11.39 17.55
CA THR B 180 5.91 10.75 18.54
C THR B 180 5.44 9.31 18.84
N ARG B 181 4.22 8.91 18.45
CA ARG B 181 3.74 7.51 18.61
C ARG B 181 4.48 6.61 17.63
N ALA B 182 5.01 7.18 16.54
CA ALA B 182 5.82 6.47 15.53
C ALA B 182 7.30 6.81 15.76
N GLY B 183 7.62 8.08 15.68
CA GLY B 183 8.98 8.59 15.94
C GLY B 183 9.24 9.87 15.20
N VAL B 184 9.91 10.82 15.84
CA VAL B 184 10.23 12.15 15.26
C VAL B 184 11.75 12.29 15.26
N MET B 185 12.35 12.28 14.07
CA MET B 185 13.81 12.23 13.92
C MET B 185 14.33 13.62 13.54
N ALA B 186 15.45 14.03 14.14
CA ALA B 186 16.16 15.26 13.76
C ALA B 186 16.73 15.08 12.35
N LEU B 187 16.37 15.97 11.43
CA LEU B 187 16.94 15.98 10.06
C LEU B 187 16.94 17.43 9.60
N GLY B 188 18.01 17.88 8.97
CA GLY B 188 18.13 19.29 8.58
C GLY B 188 17.07 19.63 7.55
N TYR B 189 16.56 20.85 7.58
CA TYR B 189 15.50 21.32 6.66
C TYR B 189 15.94 21.21 5.20
N ARG B 190 17.23 21.41 4.90
CA ARG B 190 17.75 21.34 3.50
C ARG B 190 17.68 19.90 2.99
N GLN B 191 18.22 18.98 3.77
CA GLN B 191 18.13 17.53 3.48
C GLN B 191 16.64 17.13 3.33
N GLU B 192 15.78 17.52 4.27
CA GLU B 192 14.35 17.17 4.21
C GLU B 192 13.77 17.64 2.88
N THR B 193 14.11 18.86 2.46
CA THR B 193 13.59 19.47 1.21
C THR B 193 13.91 18.55 0.04
N PHE B 194 15.18 18.20 -0.13
CA PHE B 194 15.66 17.48 -1.34
C PHE B 194 15.12 16.05 -1.32
N LEU B 195 15.08 15.45 -0.13
CA LEU B 195 14.64 14.04 0.06
C LEU B 195 13.14 13.95 -0.29
N ASP B 196 12.36 14.86 0.28
CA ASP B 196 10.90 14.91 0.05
C ASP B 196 10.60 15.13 -1.44
N LEU B 197 11.30 16.07 -2.08
CA LEU B 197 11.09 16.38 -3.52
C LEU B 197 11.46 15.16 -4.37
N PHE B 198 12.49 14.42 -3.96
CA PHE B 198 12.98 13.23 -4.70
C PHE B 198 11.91 12.13 -4.69
N GLN B 199 11.27 11.92 -3.54
CA GLN B 199 10.12 10.98 -3.39
C GLN B 199 9.03 11.36 -4.39
N GLU B 200 8.81 12.66 -4.60
CA GLU B 200 7.65 13.17 -5.38
C GLU B 200 7.96 13.15 -6.88
N GLN B 201 9.23 13.34 -7.26
CA GLN B 201 9.64 13.59 -8.66
C GLN B 201 10.29 12.35 -9.27
N PHE B 202 10.95 11.51 -8.47
CA PHE B 202 11.49 10.23 -9.00
C PHE B 202 10.59 9.06 -8.59
N LEU B 203 10.44 8.81 -7.30
CA LEU B 203 9.92 7.49 -6.84
C LEU B 203 8.43 7.36 -7.17
N ALA B 204 7.61 8.33 -6.80
CA ALA B 204 6.15 8.23 -6.97
C ALA B 204 5.84 8.07 -8.46
N PRO B 205 6.29 8.96 -9.36
CA PRO B 205 5.99 8.81 -10.78
C PRO B 205 6.56 7.52 -11.39
N ALA B 206 7.73 7.05 -10.93
CA ALA B 206 8.34 5.80 -11.45
C ALA B 206 7.47 4.60 -11.04
N LEU B 207 6.99 4.57 -9.80
CA LEU B 207 6.12 3.45 -9.33
C LEU B 207 4.87 3.41 -10.20
N VAL B 208 4.24 4.57 -10.41
CA VAL B 208 2.97 4.62 -11.21
C VAL B 208 3.31 4.28 -12.66
N ASP B 209 4.43 4.77 -13.19
CA ASP B 209 4.85 4.48 -14.59
C ASP B 209 5.07 2.98 -14.77
N LEU B 210 5.61 2.33 -13.74
CA LEU B 210 5.84 0.87 -13.74
C LEU B 210 4.51 0.11 -13.76
N VAL B 211 3.58 0.47 -12.87
CA VAL B 211 2.21 -0.10 -12.81
C VAL B 211 1.58 0.05 -14.21
N GLU B 212 1.75 1.23 -14.80
CA GLU B 212 1.11 1.56 -16.10
C GLU B 212 1.77 0.73 -17.21
N THR B 213 3.09 0.58 -17.17
CA THR B 213 3.84 -0.24 -18.16
C THR B 213 3.33 -1.68 -18.10
N GLY B 214 3.12 -2.23 -16.90
CA GLY B 214 2.56 -3.57 -16.75
C GLY B 214 1.19 -3.65 -17.39
N PHE B 215 0.32 -2.69 -17.09
CA PHE B 215 -1.04 -2.61 -17.67
C PHE B 215 -0.95 -2.61 -19.19
N GLN B 216 -0.12 -1.72 -19.76
CA GLN B 216 -0.03 -1.49 -21.23
C GLN B 216 0.43 -2.76 -21.92
N VAL B 217 1.44 -3.43 -21.38
CA VAL B 217 2.02 -4.68 -21.97
C VAL B 217 0.96 -5.79 -21.95
N LEU B 218 0.23 -5.94 -20.85
CA LEU B 218 -0.81 -6.97 -20.72
C LEU B 218 -1.94 -6.71 -21.73
N VAL B 219 -2.42 -5.48 -21.82
CA VAL B 219 -3.53 -5.13 -22.75
C VAL B 219 -3.07 -5.36 -24.20
N GLU B 220 -1.84 -5.01 -24.53
CA GLU B 220 -1.28 -5.17 -25.89
C GLU B 220 -1.20 -6.66 -26.25
N ARG B 221 -0.89 -7.50 -25.25
CA ARG B 221 -0.73 -8.97 -25.43
C ARG B 221 -2.08 -9.70 -25.24
N GLY B 222 -3.20 -8.96 -25.22
CA GLY B 222 -4.57 -9.51 -25.38
C GLY B 222 -5.21 -9.94 -24.08
N PHE B 223 -4.64 -9.55 -22.93
CA PHE B 223 -5.23 -9.83 -21.60
C PHE B 223 -6.47 -8.95 -21.40
N ASN B 224 -7.46 -9.51 -20.71
CA ASN B 224 -8.67 -8.80 -20.24
C ASN B 224 -8.22 -7.50 -19.55
N PRO B 225 -8.59 -6.31 -20.06
CA PRO B 225 -8.16 -5.05 -19.42
C PRO B 225 -8.59 -4.86 -17.95
N LYS B 226 -9.77 -5.34 -17.56
CA LYS B 226 -10.19 -5.23 -16.14
C LYS B 226 -9.24 -6.05 -15.26
N ALA B 227 -8.95 -7.29 -15.69
CA ALA B 227 -8.04 -8.19 -14.96
C ALA B 227 -6.65 -7.54 -14.91
N ALA B 228 -6.15 -7.01 -16.04
CA ALA B 228 -4.80 -6.41 -16.10
C ALA B 228 -4.73 -5.28 -15.05
N LEU B 229 -5.77 -4.46 -15.00
CA LEU B 229 -5.85 -3.29 -14.09
C LEU B 229 -5.88 -3.79 -12.64
N LEU B 230 -6.72 -4.78 -12.33
CA LEU B 230 -6.78 -5.36 -10.96
C LEU B 230 -5.39 -5.87 -10.56
N GLU B 231 -4.66 -6.54 -11.43
CA GLU B 231 -3.40 -7.18 -10.99
C GLU B 231 -2.32 -6.12 -10.79
N VAL B 232 -2.25 -5.08 -11.63
CA VAL B 232 -1.13 -4.11 -11.51
C VAL B 232 -1.36 -3.20 -10.29
N TYR B 233 -2.60 -2.99 -9.82
CA TYR B 233 -2.84 -2.32 -8.52
C TYR B 233 -4.30 -2.40 -8.07
N GLY B 234 -5.27 -2.53 -8.99
CA GLY B 234 -6.69 -2.31 -8.71
C GLY B 234 -7.27 -3.25 -7.67
N SER B 235 -6.68 -4.44 -7.52
CA SER B 235 -7.11 -5.45 -6.51
C SER B 235 -6.75 -4.98 -5.10
N GLY B 236 -5.82 -4.03 -5.00
CA GLY B 236 -5.19 -3.60 -3.73
C GLY B 236 -4.03 -4.48 -3.33
N GLN B 237 -3.74 -5.56 -4.08
CA GLN B 237 -2.67 -6.49 -3.65
C GLN B 237 -1.30 -5.79 -3.66
N MET B 238 -0.95 -5.08 -4.73
CA MET B 238 0.38 -4.43 -4.78
C MET B 238 0.48 -3.36 -3.68
N GLY B 239 -0.60 -2.59 -3.44
CA GLY B 239 -0.65 -1.62 -2.33
C GLY B 239 -0.46 -2.30 -0.99
N LYS B 240 -1.22 -3.37 -0.74
CA LYS B 240 -1.15 -4.16 0.52
C LYS B 240 0.29 -4.68 0.72
N MET B 241 0.93 -5.17 -0.34
CA MET B 241 2.32 -5.69 -0.31
C MET B 241 3.28 -4.58 0.17
N MET B 242 3.13 -3.38 -0.38
CA MET B 242 4.01 -2.22 -0.08
C MET B 242 3.73 -1.68 1.31
N LEU B 243 2.47 -1.73 1.77
CA LEU B 243 2.11 -1.20 3.10
C LEU B 243 2.48 -2.23 4.19
N ASP B 244 2.21 -3.51 3.98
CA ASP B 244 2.70 -4.57 4.90
C ASP B 244 4.22 -4.58 4.88
N GLY B 245 4.83 -4.32 3.72
CA GLY B 245 6.29 -4.29 3.54
C GLY B 245 6.92 -3.21 4.41
N ALA B 246 6.23 -2.09 4.57
CA ALA B 246 6.68 -0.99 5.46
C ALA B 246 6.84 -1.55 6.88
N ASP B 247 5.94 -2.43 7.30
CA ASP B 247 6.00 -3.05 8.66
C ASP B 247 7.18 -4.02 8.72
N ILE B 248 7.17 -5.07 7.88
CA ILE B 248 8.01 -6.28 8.13
C ILE B 248 9.12 -6.42 7.09
N GLY B 249 9.12 -5.60 6.02
CA GLY B 249 10.14 -5.68 4.95
C GLY B 249 9.51 -6.20 3.66
N LEU B 250 9.95 -5.72 2.50
CA LEU B 250 9.28 -6.06 1.21
C LEU B 250 9.60 -7.50 0.84
N ASP B 251 10.87 -7.91 0.95
CA ASP B 251 11.25 -9.32 0.63
C ASP B 251 10.59 -10.27 1.64
N GLU B 252 10.42 -9.84 2.91
CA GLU B 252 9.76 -10.62 3.97
C GLU B 252 8.27 -10.83 3.67
N VAL B 253 7.54 -9.83 3.16
CA VAL B 253 6.10 -10.00 2.81
C VAL B 253 5.98 -11.16 1.81
N VAL B 254 6.84 -11.17 0.81
CA VAL B 254 6.81 -12.22 -0.23
C VAL B 254 7.11 -13.58 0.42
N ALA B 255 8.08 -13.63 1.33
CA ALA B 255 8.50 -14.89 2.00
C ALA B 255 7.35 -15.41 2.85
N LEU B 256 6.58 -14.51 3.44
CA LEU B 256 5.50 -14.85 4.40
C LEU B 256 4.23 -15.20 3.63
N GLN B 257 3.87 -14.39 2.63
CA GLN B 257 2.47 -14.34 2.12
C GLN B 257 2.39 -14.94 0.72
N GLY B 258 3.52 -15.16 0.07
CA GLY B 258 3.54 -15.72 -1.30
C GLY B 258 3.58 -17.24 -1.29
N SER B 259 2.82 -17.84 -2.21
CA SER B 259 2.91 -19.28 -2.54
C SER B 259 4.34 -19.57 -2.97
N PRO B 260 4.83 -20.82 -2.86
CA PRO B 260 6.16 -21.13 -3.36
C PRO B 260 6.31 -20.77 -4.85
N THR B 261 5.24 -20.89 -5.64
CA THR B 261 5.22 -20.52 -7.07
C THR B 261 5.56 -19.04 -7.20
N CYS B 262 4.90 -18.21 -6.41
CA CYS B 262 5.11 -16.74 -6.38
C CYS B 262 6.55 -16.43 -5.93
N GLN B 263 7.03 -17.07 -4.88
CA GLN B 263 8.37 -16.73 -4.31
C GLN B 263 9.46 -17.12 -5.32
N VAL B 264 9.32 -18.27 -6.00
CA VAL B 264 10.32 -18.71 -6.99
C VAL B 264 10.35 -17.72 -8.17
N GLY B 265 9.16 -17.31 -8.64
CA GLY B 265 9.06 -16.34 -9.74
C GLY B 265 9.66 -15.00 -9.36
N TYR B 266 9.26 -14.48 -8.20
CA TYR B 266 9.76 -13.19 -7.65
C TYR B 266 11.29 -13.21 -7.58
N HIS B 267 11.86 -14.27 -7.01
CA HIS B 267 13.32 -14.34 -6.76
C HIS B 267 14.05 -14.62 -8.08
N ARG B 268 13.34 -14.99 -9.15
CA ARG B 268 14.01 -15.17 -10.47
C ARG B 268 14.45 -13.81 -11.02
N TRP B 269 13.68 -12.75 -10.71
CA TRP B 269 13.85 -11.41 -11.33
C TRP B 269 14.21 -10.33 -10.31
N ARG B 270 14.06 -10.61 -9.01
CA ARG B 270 14.40 -9.63 -7.96
C ARG B 270 15.87 -9.22 -8.13
N GLY B 271 16.11 -7.91 -8.13
CA GLY B 271 17.45 -7.31 -8.31
C GLY B 271 17.92 -7.30 -9.75
N ARG B 272 17.11 -7.73 -10.73
CA ARG B 272 17.56 -7.82 -12.15
C ARG B 272 16.61 -7.12 -13.13
N THR B 273 15.54 -6.46 -12.68
CA THR B 273 14.45 -5.95 -13.58
C THR B 273 14.82 -4.63 -14.24
N LEU B 274 15.72 -3.83 -13.65
CA LEU B 274 15.92 -2.42 -14.09
C LEU B 274 17.29 -2.21 -14.72
N PRO B 275 17.35 -1.44 -15.84
CA PRO B 275 18.62 -1.10 -16.48
C PRO B 275 19.25 0.07 -15.74
N THR B 276 20.56 0.27 -15.95
CA THR B 276 21.37 1.38 -15.38
C THR B 276 20.67 2.73 -15.60
N ALA B 277 19.91 2.90 -16.69
CA ALA B 277 19.29 4.19 -17.07
C ALA B 277 18.30 4.68 -16.01
N VAL B 278 17.70 3.78 -15.22
CA VAL B 278 16.75 4.17 -14.15
C VAL B 278 17.51 4.91 -13.03
N ARG B 279 18.59 4.30 -12.55
CA ARG B 279 19.56 4.89 -11.58
C ARG B 279 20.04 6.27 -12.07
N GLU B 280 20.37 6.37 -13.36
CA GLU B 280 20.94 7.60 -13.97
C GLU B 280 19.87 8.68 -13.96
N LEU B 281 18.61 8.31 -14.24
CA LEU B 281 17.48 9.25 -14.23
C LEU B 281 17.26 9.77 -12.79
N ALA B 282 17.28 8.88 -11.78
CA ALA B 282 17.17 9.26 -10.35
C ALA B 282 18.22 10.33 -10.00
N ALA B 283 19.45 10.19 -10.49
CA ALA B 283 20.55 11.14 -10.22
C ALA B 283 20.27 12.48 -10.95
N ARG B 284 19.71 12.44 -12.16
CA ARG B 284 19.31 13.65 -12.93
C ARG B 284 18.22 14.43 -12.17
N VAL B 285 17.22 13.71 -11.64
CA VAL B 285 16.12 14.33 -10.84
C VAL B 285 16.73 14.98 -9.58
N LEU B 286 17.62 14.27 -8.87
CA LEU B 286 18.28 14.87 -7.67
C LEU B 286 19.05 16.14 -8.09
N ASP B 287 19.74 16.12 -9.23
CA ASP B 287 20.52 17.29 -9.74
C ASP B 287 19.58 18.48 -9.95
N GLN B 288 18.39 18.23 -10.52
CA GLN B 288 17.38 19.28 -10.80
C GLN B 288 16.89 19.86 -9.46
N ILE B 289 16.71 19.00 -8.47
CA ILE B 289 16.20 19.39 -7.12
C ILE B 289 17.27 20.19 -6.37
N GLU B 290 18.52 19.71 -6.37
CA GLU B 290 19.59 20.28 -5.51
C GLU B 290 20.12 21.57 -6.10
N GLY B 291 20.01 21.77 -7.42
CA GLY B 291 20.71 22.86 -8.13
C GLY B 291 19.81 24.06 -8.39
N GLY B 292 18.52 23.98 -8.02
CA GLY B 292 17.58 25.10 -8.16
C GLY B 292 16.69 25.02 -9.40
N ASP B 293 16.95 24.07 -10.31
CA ASP B 293 16.17 23.92 -11.57
C ASP B 293 14.71 23.67 -11.22
N PHE B 294 14.45 22.74 -10.29
CA PHE B 294 13.04 22.41 -9.93
C PHE B 294 12.39 23.63 -9.26
N SER B 295 13.11 24.36 -8.40
CA SER B 295 12.56 25.52 -7.68
C SER B 295 12.09 26.58 -8.70
N ALA B 296 12.85 26.78 -9.79
CA ALA B 296 12.52 27.77 -10.84
C ALA B 296 11.27 27.31 -11.61
N TYR B 297 11.19 26.02 -11.94
CA TYR B 297 10.06 25.35 -12.63
C TYR B 297 8.79 25.53 -11.79
N LEU B 298 8.88 25.18 -10.51
CA LEU B 298 7.75 25.30 -9.56
C LEU B 298 7.25 26.76 -9.50
N LYS B 299 8.16 27.74 -9.45
CA LYS B 299 7.77 29.17 -9.35
C LYS B 299 6.97 29.56 -10.60
N GLU B 300 7.45 29.16 -11.79
CA GLU B 300 6.74 29.38 -13.08
C GLU B 300 5.35 28.75 -13.03
N GLN B 301 5.28 27.48 -12.62
CA GLN B 301 4.02 26.70 -12.55
C GLN B 301 3.01 27.42 -11.64
N ALA B 302 3.45 27.95 -10.50
CA ALA B 302 2.57 28.59 -9.49
C ALA B 302 2.09 29.97 -9.99
N SER B 303 2.95 30.68 -10.73
CA SER B 303 2.78 32.11 -11.12
C SER B 303 1.42 32.37 -11.80
N ASN B 304 0.72 31.33 -12.28
CA ASN B 304 -0.62 31.47 -12.95
C ASN B 304 -1.66 30.54 -12.30
N ASP B 305 -1.79 30.64 -10.96
CA ASP B 305 -2.59 29.77 -10.05
C ASP B 305 -2.60 28.34 -10.60
N TYR B 306 -1.42 27.83 -10.96
CA TYR B 306 -1.19 26.40 -11.31
C TYR B 306 -2.06 25.98 -12.50
N ALA B 307 -2.25 26.86 -13.49
CA ALA B 307 -3.01 26.54 -14.72
C ALA B 307 -2.43 25.29 -15.41
N SER B 308 -1.09 25.16 -15.51
CA SER B 308 -0.46 24.01 -16.23
C SER B 308 -0.74 22.71 -15.48
N LEU B 309 -0.69 22.73 -14.15
CA LEU B 309 -1.03 21.55 -13.30
C LEU B 309 -2.50 21.13 -13.52
N ASP B 310 -3.42 22.09 -13.63
CA ASP B 310 -4.85 21.79 -13.90
C ASP B 310 -4.95 21.01 -15.21
N ASP B 311 -4.21 21.43 -16.23
CA ASP B 311 -4.19 20.76 -17.56
C ASP B 311 -3.63 19.35 -17.41
N ALA B 312 -2.56 19.18 -16.64
CA ALA B 312 -1.88 17.88 -16.48
C ALA B 312 -2.79 16.91 -15.71
N ARG B 313 -3.47 17.40 -14.67
CA ARG B 313 -4.44 16.60 -13.89
C ARG B 313 -5.57 16.12 -14.80
N ARG B 314 -6.13 17.03 -15.61
CA ARG B 314 -7.25 16.67 -16.51
C ARG B 314 -6.76 15.67 -17.57
N ALA B 315 -5.57 15.87 -18.14
CA ALA B 315 -5.02 15.00 -19.21
C ALA B 315 -4.74 13.60 -18.65
N ALA B 316 -4.29 13.48 -17.41
CA ALA B 316 -3.92 12.19 -16.78
C ALA B 316 -5.18 11.31 -16.65
N LEU B 317 -6.33 11.90 -16.33
CA LEU B 317 -7.61 11.14 -16.20
C LEU B 317 -7.99 10.47 -17.52
N LYS B 318 -7.46 10.93 -18.66
CA LYS B 318 -7.84 10.42 -20.01
C LYS B 318 -6.91 9.29 -20.44
N ARG B 319 -5.85 9.01 -19.66
CA ARG B 319 -4.91 7.91 -20.02
C ARG B 319 -5.65 6.58 -19.89
N PRO B 320 -5.35 5.60 -20.78
CA PRO B 320 -5.99 4.29 -20.70
C PRO B 320 -6.03 3.65 -19.29
N LEU B 321 -4.98 3.79 -18.48
CA LEU B 321 -4.95 3.25 -17.10
C LEU B 321 -6.12 3.84 -16.31
N ASN B 322 -6.36 5.13 -16.43
CA ASN B 322 -7.40 5.83 -15.62
C ASN B 322 -8.79 5.58 -16.21
N VAL B 323 -8.90 5.40 -17.52
CA VAL B 323 -10.19 5.01 -18.16
C VAL B 323 -10.54 3.60 -17.65
N ALA B 324 -9.56 2.70 -17.62
CA ALA B 324 -9.72 1.32 -17.12
C ALA B 324 -10.06 1.38 -15.63
N HIS B 325 -9.46 2.32 -14.89
CA HIS B 325 -9.73 2.38 -13.43
C HIS B 325 -11.22 2.64 -13.17
N ALA B 326 -11.82 3.57 -13.91
CA ALA B 326 -13.25 3.91 -13.72
C ALA B 326 -14.12 2.70 -14.06
N GLN B 327 -13.76 1.94 -15.10
CA GLN B 327 -14.54 0.75 -15.53
C GLN B 327 -14.47 -0.30 -14.44
N VAL B 328 -13.27 -0.53 -13.89
CA VAL B 328 -13.02 -1.56 -12.85
C VAL B 328 -13.73 -1.16 -11.57
N ARG B 329 -13.59 0.10 -11.18
CA ARG B 329 -14.16 0.60 -9.90
C ARG B 329 -15.69 0.50 -9.90
N ALA B 330 -16.32 0.75 -11.05
CA ALA B 330 -17.79 0.66 -11.17
C ALA B 330 -18.22 -0.79 -10.94
N ALA B 331 -17.44 -1.74 -11.42
CA ALA B 331 -17.82 -3.18 -11.54
C ALA B 331 -17.40 -4.01 -10.31
N PHE B 332 -16.43 -3.55 -9.52
CA PHE B 332 -15.85 -4.26 -8.35
C PHE B 332 -15.90 -3.36 -7.12
N ARG B 333 -16.51 -3.85 -6.04
CA ARG B 333 -16.62 -3.06 -4.79
C ARG B 333 -15.26 -3.17 -4.07
N PHE B 334 -14.69 -2.04 -3.68
CA PHE B 334 -13.39 -1.94 -2.96
C PHE B 334 -13.68 -1.73 -1.48
N PRO B 335 -12.96 -2.40 -0.55
CA PRO B 335 -13.19 -2.16 0.87
C PRO B 335 -12.80 -0.72 1.25
N THR B 336 -13.75 0.05 1.77
CA THR B 336 -13.49 1.42 2.29
C THR B 336 -14.16 1.60 3.66
N GLU B 337 -13.68 2.58 4.41
CA GLU B 337 -14.21 2.98 5.72
C GLU B 337 -14.94 4.32 5.54
N ALA B 338 -16.09 4.51 6.20
CA ALA B 338 -16.85 5.78 6.19
C ALA B 338 -15.92 6.91 6.64
N ALA B 339 -15.91 8.03 5.92
CA ALA B 339 -15.01 9.17 6.19
C ALA B 339 -15.78 10.40 6.69
N GLY B 340 -17.10 10.42 6.63
CA GLY B 340 -17.87 11.61 7.08
C GLY B 340 -17.63 11.88 8.55
N GLY B 341 -17.32 13.12 8.92
CA GLY B 341 -17.12 13.51 10.33
C GLY B 341 -15.78 13.06 10.90
N LEU B 342 -14.88 12.51 10.07
CA LEU B 342 -13.53 12.06 10.52
C LEU B 342 -12.81 13.15 11.32
N TYR B 343 -12.98 14.42 10.94
CA TYR B 343 -12.23 15.56 11.53
C TYR B 343 -13.08 16.36 12.52
N GLN B 344 -14.30 15.91 12.82
CA GLN B 344 -15.13 16.51 13.90
C GLN B 344 -14.51 16.09 15.24
N ALA B 345 -14.89 16.75 16.34
CA ALA B 345 -14.32 16.50 17.69
C ALA B 345 -14.49 15.02 18.06
N ALA B 346 -13.48 14.40 18.69
CA ALA B 346 -13.62 13.10 19.39
C ALA B 346 -14.54 13.30 20.59
PA NAD C . 1.34 -22.27 1.14
O1A NAD C . 2.79 -22.25 0.78
O2A NAD C . 0.79 -21.44 2.25
O5B NAD C . 0.87 -23.78 1.32
C5B NAD C . 1.09 -24.43 2.58
C4B NAD C . 0.13 -25.59 2.66
O4B NAD C . 0.46 -26.55 1.64
C3B NAD C . 0.13 -26.37 3.98
O3B NAD C . -1.18 -26.85 4.29
C2B NAD C . 1.09 -27.51 3.68
O2B NAD C . 0.87 -28.61 4.53
C1B NAD C . 0.69 -27.81 2.24
N9A NAD C . 1.68 -28.53 1.45
C8A NAD C . 2.91 -28.07 1.05
N7A NAD C . 3.58 -28.92 0.32
C5A NAD C . 2.74 -30.02 0.19
C6A NAD C . 2.87 -31.26 -0.46
N6A NAD C . 3.95 -31.60 -1.16
N1A NAD C . 1.84 -32.12 -0.38
C2A NAD C . 0.76 -31.77 0.33
N3A NAD C . 0.52 -30.64 1.00
C4A NAD C . 1.56 -29.79 0.89
O3 NAD C . 0.53 -21.96 -0.20
PN NAD C . -0.62 -20.91 -0.64
O1N NAD C . -0.01 -19.60 -0.99
O2N NAD C . -1.69 -20.98 0.41
O5D NAD C . -1.07 -21.61 -2.02
C5D NAD C . -2.12 -22.58 -2.12
C4D NAD C . -2.74 -22.41 -3.49
O4D NAD C . -3.34 -21.11 -3.54
C3D NAD C . -1.78 -22.47 -4.69
O3D NAD C . -2.36 -23.10 -5.81
C2D NAD C . -1.50 -20.98 -4.96
O2D NAD C . -1.07 -20.67 -6.27
C1D NAD C . -2.90 -20.44 -4.68
N1N NAD C . -2.95 -18.98 -4.39
C2N NAD C . -2.14 -18.40 -3.44
C3N NAD C . -2.37 -17.09 -3.04
C7N NAD C . -1.58 -16.39 -1.96
O7N NAD C . -1.83 -15.21 -1.74
N7N NAD C . -0.63 -17.06 -1.32
C4N NAD C . -3.36 -16.36 -3.70
C5N NAD C . -4.12 -16.95 -4.67
C6N NAD C . -3.92 -18.26 -4.99
MG MG D . -2.03 -13.87 -7.27
MG MG E . 0.09 -16.72 -7.69
C4 7FI F . 4.02 15.69 0.95
C6 7FI F . 3.63 14.26 0.88
C8 7FI F . 4.03 13.57 -0.43
C10 7FI F . 2.04 11.95 -1.30
O3 7FI F . 2.37 16.40 -0.64
C2 7FI F . 3.48 16.63 -0.18
O1 7FI F . 4.20 17.57 -0.49
O5 7FI F . 5.41 15.76 1.00
O7 7FI F . 4.25 13.58 1.93
C9 7FI F . 2.57 13.31 -0.91
C11 7FI F . 2.51 11.63 -2.66
C12 7FI F . 0.51 12.14 -1.41
C4 7FI G . -0.58 -15.33 -5.22
C6 7FI G . -0.57 -13.94 -4.79
C8 7FI G . 0.56 -13.11 -5.45
C10 7FI G . 1.56 -11.42 -3.65
O3 7FI G . 1.24 -16.10 -3.85
C2 7FI G . 0.66 -16.26 -4.91
O1 7FI G . 0.86 -17.13 -5.73
O5 7FI G . -0.89 -15.33 -6.58
O7 7FI G . -1.89 -13.38 -5.14
C9 7FI G . 1.37 -12.82 -4.15
C11 7FI G . 2.79 -10.80 -4.23
C12 7FI G . 1.79 -11.43 -2.14
PA NAD H . -3.07 22.14 0.49
O1A NAD H . -2.96 22.25 -1.01
O2A NAD H . -4.05 21.17 1.08
O5B NAD H . -3.32 23.59 1.09
C5B NAD H . -4.62 24.18 1.04
C4B NAD H . -4.66 25.22 2.11
O4B NAD H . -3.76 26.31 1.77
C3B NAD H . -6.02 25.88 2.34
O3B NAD H . -6.20 26.09 3.72
C2B NAD H . -5.92 27.17 1.52
O2B NAD H . -6.83 28.15 1.96
C1B NAD H . -4.46 27.53 1.75
N9A NAD H . -3.90 28.37 0.71
C8A NAD H . -3.65 28.03 -0.60
N7A NAD H . -3.12 29.01 -1.30
C5A NAD H . -3.00 30.05 -0.38
C6A NAD H . -2.50 31.35 -0.50
N6A NAD H . -2.02 31.87 -1.63
N1A NAD H . -2.49 32.12 0.62
C2A NAD H . -2.99 31.61 1.74
N3A NAD H . -3.49 30.40 1.97
C4A NAD H . -3.47 29.66 0.85
O3 NAD H . -1.59 21.94 1.07
PN NAD H . -0.90 20.83 1.99
O1N NAD H . -0.61 19.61 1.19
O2N NAD H . -1.71 20.69 3.23
O5D NAD H . 0.48 21.56 2.28
C5D NAD H . 0.68 22.45 3.40
C4D NAD H . 2.13 22.37 3.83
O4D NAD H . 2.39 21.04 4.32
C3D NAD H . 3.19 22.60 2.74
O3D NAD H . 4.33 23.24 3.27
C2D NAD H . 3.50 21.18 2.28
O2D NAD H . 4.74 21.07 1.60
C1D NAD H . 3.49 20.48 3.63
N1N NAD H . 3.32 18.99 3.59
C2N NAD H . 2.26 18.40 2.92
C3N NAD H . 2.03 17.05 3.07
C7N NAD H . 0.87 16.33 2.40
O7N NAD H . 0.74 15.13 2.60
N7N NAD H . 0.04 17.02 1.64
C4N NAD H . 2.88 16.29 3.88
C5N NAD H . 3.93 16.89 4.53
C6N NAD H . 4.18 18.23 4.30
MG MG I . 6.44 14.27 1.90
MG MG J . 6.23 17.30 -0.07
NA NA K . 21.10 6.95 9.86
C1 GOL L . 4.21 31.80 24.55
O1 GOL L . 4.92 30.64 24.13
C2 GOL L . 4.91 33.07 24.10
O2 GOL L . 6.31 32.83 24.03
C3 GOL L . 4.40 33.61 22.77
O3 GOL L . 3.22 34.40 22.92
#